data_6T1F
#
_entry.id   6T1F
#
_cell.length_a   54.250
_cell.length_b   172.928
_cell.length_c   72.852
_cell.angle_alpha   90.000
_cell.angle_beta   90.540
_cell.angle_gamma   90.000
#
_symmetry.space_group_name_H-M   'P 1 21 1'
#
loop_
_entity.id
_entity.type
_entity.pdbx_description
1 polymer 'Chromosome-partitioning protein ParB'
2 polymer "DNA (5'-D(*GP*GP*AP*TP*GP*TP*TP*TP*CP*AP*CP*GP*TP*GP*AP*AP*AP*CP*AP*TP*CP*C)-3')"
#
loop_
_entity_poly.entity_id
_entity_poly.type
_entity_poly.pdbx_seq_one_letter_code
_entity_poly.pdbx_strand_id
1 'polypeptide(L)'
;MSEGRRGLGRGLSALLGEVDAAPAQAPGEQLGGSREAPIEILQRNPDQPRRTFREEDLEDLSNSIREKGVLQPILVRPSP
DTAGEYQIVAGERRWRAAQRAGLKTVPIMVRELDDLAVLEIGIIENVQRADLNVLEEALSYKVLMEKFERTQENIAQTIG
KSRSHVANTMRLLALPDEVQSYLVSGELTAGHARAIAAAADPVALAKQIIEGGLSVRETEALARKAPNLSAGKSKGGRPP
RVKDKLAAALEHHHHHH
;
A,B,C,D
2 'polydeoxyribonucleotide'
;(DG)(DG)(DA)(DT)(DG)(DT)(DT)(DT)(DC)(DA)(DC)(DG)(DT)(DG)(DA)(DA)(DA)(DC)(DA)(DT)
(DC)(DC)
;
E,F,G,H
#
# COMPACT_ATOMS: atom_id res chain seq x y z
N SER A 34 -27.16 13.91 52.33
CA SER A 34 -25.77 13.33 52.40
C SER A 34 -24.79 14.40 52.89
N ARG A 35 -24.34 14.27 54.14
CA ARG A 35 -23.42 15.21 54.79
C ARG A 35 -21.97 14.82 54.46
N GLU A 36 -21.13 15.83 54.28
CA GLU A 36 -19.70 15.66 54.04
C GLU A 36 -19.03 15.42 55.41
N ALA A 37 -18.11 14.45 55.48
CA ALA A 37 -17.47 14.02 56.72
C ALA A 37 -15.98 13.78 56.48
N PRO A 38 -15.09 14.13 57.43
CA PRO A 38 -13.66 13.79 57.33
C PRO A 38 -13.42 12.29 57.11
N ILE A 39 -12.52 11.96 56.18
CA ILE A 39 -12.20 10.58 55.81
C ILE A 39 -11.55 9.86 57.00
N GLU A 40 -10.98 10.64 57.93
CA GLU A 40 -10.31 10.15 59.14
C GLU A 40 -11.27 9.34 60.03
N ILE A 41 -12.55 9.73 60.08
CA ILE A 41 -13.47 9.27 61.12
C ILE A 41 -14.31 8.06 60.67
N LEU A 42 -13.97 7.46 59.51
CA LEU A 42 -14.61 6.25 59.04
C LEU A 42 -13.70 5.04 59.29
N GLN A 43 -14.33 3.87 59.51
CA GLN A 43 -13.67 2.63 59.87
C GLN A 43 -14.42 1.47 59.23
N ARG A 44 -13.70 0.36 59.01
CA ARG A 44 -14.21 -0.79 58.27
C ARG A 44 -15.08 -1.65 59.19
N ASN A 45 -15.90 -2.52 58.59
CA ASN A 45 -16.68 -3.54 59.29
C ASN A 45 -15.78 -4.73 59.66
N PRO A 46 -15.45 -4.93 60.95
CA PRO A 46 -14.49 -5.98 61.34
C PRO A 46 -14.97 -7.40 61.02
N ASP A 47 -16.28 -7.61 61.00
CA ASP A 47 -16.92 -8.91 60.63
C ASP A 47 -16.47 -9.39 59.23
N THR A 52 -10.24 -9.01 48.65
CA THR A 52 -9.27 -8.36 47.78
C THR A 52 -10.00 -7.48 46.75
N PHE A 53 -9.45 -6.28 46.50
CA PHE A 53 -9.88 -5.39 45.41
C PHE A 53 -8.70 -5.13 44.47
N ARG A 54 -8.96 -5.23 43.16
CA ARG A 54 -7.89 -5.28 42.15
C ARG A 54 -7.27 -3.89 42.03
N GLU A 55 -5.93 -3.82 42.17
CA GLU A 55 -5.15 -2.57 42.14
C GLU A 55 -5.60 -1.71 40.95
N GLU A 56 -5.68 -2.33 39.77
CA GLU A 56 -6.07 -1.65 38.52
C GLU A 56 -7.41 -0.93 38.74
N ASP A 57 -8.39 -1.66 39.26
CA ASP A 57 -9.76 -1.17 39.48
C ASP A 57 -9.75 -0.01 40.49
N LEU A 58 -8.89 -0.12 41.52
CA LEU A 58 -8.78 0.87 42.59
C LEU A 58 -8.03 2.12 42.08
N GLU A 59 -7.00 1.91 41.27
CA GLU A 59 -6.23 3.02 40.66
C GLU A 59 -7.14 3.82 39.71
N ASP A 60 -8.07 3.11 39.06
CA ASP A 60 -9.01 3.70 38.12
C ASP A 60 -10.01 4.58 38.88
N LEU A 61 -10.62 4.00 39.94
CA LEU A 61 -11.59 4.68 40.79
C LEU A 61 -10.93 5.90 41.44
N SER A 62 -9.76 5.67 42.06
CA SER A 62 -8.95 6.73 42.64
C SER A 62 -8.93 7.94 41.69
N ASN A 63 -8.62 7.70 40.41
CA ASN A 63 -8.40 8.76 39.42
C ASN A 63 -9.72 9.43 39.06
N SER A 64 -10.84 8.69 39.12
CA SER A 64 -12.17 9.23 38.81
C SER A 64 -12.61 10.18 39.92
N ILE A 65 -12.49 9.70 41.17
CA ILE A 65 -12.75 10.49 42.37
C ILE A 65 -11.82 11.72 42.36
N ARG A 66 -10.62 11.56 41.79
CA ARG A 66 -9.66 12.65 41.68
C ARG A 66 -10.23 13.78 40.81
N GLU A 67 -11.00 13.42 39.78
CA GLU A 67 -11.48 14.35 38.76
C GLU A 67 -12.89 14.84 39.08
N LYS A 68 -13.75 13.93 39.57
CA LYS A 68 -15.20 14.15 39.68
C LYS A 68 -15.68 14.01 41.13
N GLY A 69 -14.82 13.56 42.05
CA GLY A 69 -15.15 13.35 43.48
C GLY A 69 -16.06 12.14 43.69
N VAL A 70 -16.17 11.65 44.92
CA VAL A 70 -17.02 10.49 45.22
C VAL A 70 -18.46 10.81 44.82
N LEU A 71 -18.91 10.27 43.69
CA LEU A 71 -20.22 10.64 43.11
C LEU A 71 -21.37 9.86 43.78
N GLN A 72 -21.06 8.92 44.67
CA GLN A 72 -22.08 8.06 45.28
C GLN A 72 -21.82 7.99 46.78
N PRO A 73 -22.68 8.60 47.62
CA PRO A 73 -22.52 8.56 49.08
C PRO A 73 -22.18 7.18 49.66
N ILE A 74 -21.39 7.17 50.74
CA ILE A 74 -20.99 5.96 51.47
C ILE A 74 -21.99 5.74 52.63
N LEU A 75 -22.58 4.54 52.70
CA LEU A 75 -23.54 4.20 53.73
C LEU A 75 -22.79 3.81 55.00
N VAL A 76 -23.04 4.55 56.09
CA VAL A 76 -22.34 4.39 57.38
C VAL A 76 -23.38 4.24 58.50
N ARG A 77 -22.90 3.85 59.69
CA ARG A 77 -23.70 3.79 60.93
C ARG A 77 -22.78 4.04 62.13
N PRO A 78 -23.27 4.64 63.24
CA PRO A 78 -22.41 5.01 64.37
C PRO A 78 -21.50 3.86 64.83
N SER A 79 -20.22 4.18 65.04
CA SER A 79 -19.19 3.18 65.35
C SER A 79 -19.41 2.60 66.74
N PRO A 80 -19.54 1.27 66.89
CA PRO A 80 -19.52 0.64 68.23
C PRO A 80 -18.18 0.76 68.97
N ASP A 81 -17.06 0.81 68.22
CA ASP A 81 -15.72 0.87 68.79
C ASP A 81 -15.43 2.28 69.32
N THR A 82 -15.39 3.27 68.42
CA THR A 82 -15.20 4.69 68.78
C THR A 82 -16.54 5.26 69.25
N ALA A 83 -16.62 6.60 69.33
CA ALA A 83 -17.84 7.29 69.79
C ALA A 83 -18.36 8.24 68.72
N GLY A 84 -17.49 9.17 68.27
CA GLY A 84 -17.84 10.15 67.25
C GLY A 84 -17.61 9.65 65.84
N GLU A 85 -16.96 8.48 65.70
CA GLU A 85 -16.64 7.88 64.41
C GLU A 85 -17.85 7.10 63.87
N TYR A 86 -17.81 6.82 62.56
CA TYR A 86 -18.81 5.98 61.88
C TYR A 86 -18.15 4.69 61.37
N GLN A 87 -18.97 3.65 61.23
CA GLN A 87 -18.59 2.36 60.64
C GLN A 87 -19.29 2.24 59.27
N ILE A 88 -18.60 1.64 58.30
CA ILE A 88 -19.06 1.54 56.93
C ILE A 88 -19.93 0.27 56.79
N VAL A 89 -21.12 0.44 56.19
CA VAL A 89 -22.03 -0.67 55.91
C VAL A 89 -22.01 -0.96 54.40
N ALA A 90 -21.75 0.06 53.59
CA ALA A 90 -21.60 -0.09 52.13
C ALA A 90 -20.73 1.06 51.58
N GLY A 91 -19.76 0.69 50.74
CA GLY A 91 -18.91 1.63 50.00
C GLY A 91 -17.46 1.62 50.47
N GLU A 92 -16.95 0.43 50.80
CA GLU A 92 -15.58 0.26 51.31
C GLU A 92 -14.58 0.59 50.20
N ARG A 93 -14.94 0.31 48.95
CA ARG A 93 -14.07 0.52 47.79
C ARG A 93 -13.83 2.03 47.58
N ARG A 94 -14.92 2.80 47.46
CA ARG A 94 -14.82 4.24 47.18
C ARG A 94 -14.12 4.95 48.34
N TRP A 95 -14.34 4.45 49.56
CA TRP A 95 -13.63 4.93 50.73
C TRP A 95 -12.12 4.78 50.51
N ARG A 96 -11.69 3.56 50.18
CA ARG A 96 -10.29 3.24 49.95
C ARG A 96 -9.76 4.07 48.77
N ALA A 97 -10.60 4.24 47.74
CA ALA A 97 -10.25 5.00 46.54
C ALA A 97 -10.05 6.48 46.88
N ALA A 98 -10.95 7.04 47.71
CA ALA A 98 -10.88 8.43 48.13
C ALA A 98 -9.57 8.70 48.91
N GLN A 99 -9.16 7.73 49.75
CA GLN A 99 -7.92 7.81 50.52
C GLN A 99 -6.73 7.94 49.57
N ARG A 100 -6.74 7.15 48.49
CA ARG A 100 -5.69 7.16 47.46
C ARG A 100 -5.68 8.53 46.76
N ALA A 101 -6.88 9.03 46.42
CA ALA A 101 -7.06 10.31 45.73
C ALA A 101 -6.68 11.49 46.64
N GLY A 102 -6.65 11.26 47.96
CA GLY A 102 -6.14 12.23 48.93
C GLY A 102 -7.19 13.26 49.33
N LEU A 103 -8.47 12.89 49.23
CA LEU A 103 -9.58 13.74 49.66
C LEU A 103 -9.53 13.87 51.19
N LYS A 104 -9.77 15.10 51.67
CA LYS A 104 -9.83 15.41 53.09
C LYS A 104 -11.16 14.93 53.69
N THR A 105 -12.25 15.05 52.90
CA THR A 105 -13.60 14.75 53.35
C THR A 105 -14.37 14.01 52.24
N VAL A 106 -15.24 13.08 52.65
CA VAL A 106 -15.96 12.17 51.74
C VAL A 106 -17.44 12.16 52.09
N PRO A 107 -18.36 12.13 51.10
CA PRO A 107 -19.80 12.16 51.37
C PRO A 107 -20.33 10.85 51.97
N ILE A 108 -20.96 10.94 53.15
CA ILE A 108 -21.55 9.80 53.85
C ILE A 108 -23.07 10.00 53.91
N MET A 109 -23.77 8.91 54.23
CA MET A 109 -25.20 8.89 54.46
C MET A 109 -25.49 7.86 55.56
N VAL A 110 -26.01 8.31 56.70
CA VAL A 110 -26.31 7.39 57.80
C VAL A 110 -27.59 6.64 57.43
N ARG A 111 -27.44 5.33 57.18
CA ARG A 111 -28.44 4.53 56.46
C ARG A 111 -28.02 3.05 56.58
N GLU A 112 -29.00 2.15 56.72
CA GLU A 112 -28.76 0.71 56.70
C GLU A 112 -29.08 0.18 55.30
N LEU A 113 -28.82 -1.12 55.11
CA LEU A 113 -28.98 -1.77 53.81
C LEU A 113 -30.45 -2.12 53.52
N ASP A 114 -31.11 -1.19 52.83
CA ASP A 114 -32.44 -1.39 52.25
C ASP A 114 -32.37 -2.51 51.20
N ASP A 115 -33.49 -3.23 51.03
CA ASP A 115 -33.64 -4.28 50.02
C ASP A 115 -33.28 -3.72 48.63
N LEU A 116 -33.55 -2.44 48.40
CA LEU A 116 -33.18 -1.76 47.15
C LEU A 116 -31.65 -1.57 47.09
N ALA A 117 -31.03 -1.27 48.24
CA ALA A 117 -29.57 -1.13 48.31
C ALA A 117 -28.88 -2.47 47.96
N VAL A 118 -29.50 -3.59 48.37
CA VAL A 118 -28.93 -4.91 48.11
C VAL A 118 -29.13 -5.30 46.63
N LEU A 119 -30.30 -4.93 46.07
CA LEU A 119 -30.56 -5.08 44.63
C LEU A 119 -29.52 -4.29 43.83
N GLU A 120 -29.24 -3.06 44.29
CA GLU A 120 -28.34 -2.11 43.62
C GLU A 120 -26.91 -2.67 43.59
N ILE A 121 -26.39 -3.09 44.77
CA ILE A 121 -25.04 -3.63 44.89
C ILE A 121 -24.91 -4.89 44.02
N GLY A 122 -25.98 -5.70 44.02
CA GLY A 122 -26.06 -6.93 43.24
C GLY A 122 -25.84 -6.71 41.76
N ILE A 123 -26.39 -5.60 41.22
CA ILE A 123 -26.29 -5.27 39.80
C ILE A 123 -24.90 -4.70 39.52
N ILE A 124 -24.39 -3.84 40.40
CA ILE A 124 -23.09 -3.19 40.20
C ILE A 124 -21.98 -4.24 40.28
N GLU A 125 -22.16 -5.26 41.14
CA GLU A 125 -21.21 -6.38 41.24
C GLU A 125 -21.23 -7.18 39.93
N ASN A 126 -22.44 -7.47 39.44
CA ASN A 126 -22.66 -8.30 38.26
C ASN A 126 -22.04 -7.67 37.00
N VAL A 127 -22.10 -6.34 36.89
CA VAL A 127 -21.52 -5.64 35.74
C VAL A 127 -19.99 -5.75 35.79
N GLN A 128 -19.43 -5.59 37.00
CA GLN A 128 -17.99 -5.57 37.22
C GLN A 128 -17.38 -6.92 36.83
N ARG A 129 -18.15 -8.01 36.99
CA ARG A 129 -17.72 -9.36 36.64
C ARG A 129 -17.26 -9.43 35.18
N ALA A 130 -18.04 -8.84 34.26
CA ALA A 130 -17.66 -8.65 32.85
C ALA A 130 -17.91 -9.92 32.01
N ASP A 131 -18.55 -10.92 32.62
CA ASP A 131 -19.00 -12.12 31.89
C ASP A 131 -20.12 -11.75 30.90
N LEU A 132 -20.95 -10.77 31.30
CA LEU A 132 -22.21 -10.43 30.62
C LEU A 132 -21.93 -9.81 29.26
N ASN A 133 -22.94 -9.86 28.38
CA ASN A 133 -22.89 -9.35 27.00
C ASN A 133 -23.48 -7.93 26.93
N VAL A 134 -23.30 -7.25 25.79
CA VAL A 134 -23.50 -5.80 25.69
C VAL A 134 -24.96 -5.41 25.97
N LEU A 135 -25.92 -6.26 25.57
CA LEU A 135 -27.32 -5.99 25.81
C LEU A 135 -27.65 -6.12 27.30
N GLU A 136 -27.10 -7.15 27.95
CA GLU A 136 -27.23 -7.32 29.40
C GLU A 136 -26.56 -6.13 30.11
N GLU A 137 -25.41 -5.68 29.57
CA GLU A 137 -24.65 -4.56 30.13
C GLU A 137 -25.48 -3.27 30.04
N ALA A 138 -26.16 -3.06 28.91
CA ALA A 138 -26.96 -1.88 28.68
C ALA A 138 -28.12 -1.84 29.68
N LEU A 139 -28.84 -2.96 29.81
CA LEU A 139 -29.95 -3.07 30.73
C LEU A 139 -29.50 -2.69 32.14
N SER A 140 -28.33 -3.20 32.56
CA SER A 140 -27.79 -2.91 33.87
C SER A 140 -27.64 -1.39 34.05
N TYR A 141 -27.17 -0.70 33.01
CA TYR A 141 -26.97 0.73 33.08
C TYR A 141 -28.32 1.46 33.11
N LYS A 142 -29.29 1.01 32.31
CA LYS A 142 -30.61 1.64 32.25
C LYS A 142 -31.27 1.55 33.62
N VAL A 143 -31.16 0.38 34.27
CA VAL A 143 -31.81 0.12 35.55
C VAL A 143 -31.14 0.96 36.64
N LEU A 144 -29.80 1.09 36.58
CA LEU A 144 -29.05 1.89 37.56
C LEU A 144 -29.47 3.36 37.47
N MET A 145 -29.81 3.80 36.25
CA MET A 145 -30.06 5.18 35.90
C MET A 145 -31.52 5.54 36.22
N GLU A 146 -32.45 4.66 35.81
CA GLU A 146 -33.88 4.84 36.03
C GLU A 146 -34.22 4.47 37.48
N LYS A 147 -34.25 3.18 37.80
CA LYS A 147 -34.77 2.70 39.08
C LYS A 147 -33.88 3.13 40.26
N PHE A 148 -32.63 3.55 40.02
CA PHE A 148 -31.75 3.92 41.13
C PHE A 148 -31.17 5.32 40.95
N GLU A 149 -31.66 6.05 39.93
CA GLU A 149 -31.47 7.52 39.83
C GLU A 149 -29.99 7.90 39.93
N ARG A 150 -29.12 7.09 39.32
CA ARG A 150 -27.70 7.37 39.20
C ARG A 150 -27.48 8.17 37.91
N THR A 151 -26.54 9.11 37.93
CA THR A 151 -26.10 9.85 36.74
C THR A 151 -25.18 8.95 35.89
N GLN A 152 -25.09 9.23 34.59
CA GLN A 152 -24.21 8.44 33.70
C GLN A 152 -22.78 8.49 34.27
N GLU A 153 -22.31 9.71 34.50
CA GLU A 153 -21.02 9.99 35.10
C GLU A 153 -20.81 9.16 36.37
N ASN A 154 -21.87 9.01 37.17
CA ASN A 154 -21.83 8.22 38.42
C ASN A 154 -21.56 6.76 38.08
N ILE A 155 -22.36 6.21 37.16
CA ILE A 155 -22.28 4.81 36.75
C ILE A 155 -20.87 4.54 36.23
N ALA A 156 -20.39 5.44 35.35
CA ALA A 156 -19.07 5.32 34.73
C ALA A 156 -17.99 5.20 35.82
N GLN A 157 -17.99 6.12 36.77
CA GLN A 157 -17.00 6.13 37.85
C GLN A 157 -17.08 4.82 38.63
N THR A 158 -18.30 4.32 38.84
CA THR A 158 -18.57 3.15 39.66
C THR A 158 -18.02 1.89 38.97
N ILE A 159 -18.33 1.74 37.67
CA ILE A 159 -18.08 0.52 36.93
C ILE A 159 -16.77 0.61 36.15
N GLY A 160 -16.17 1.80 36.07
CA GLY A 160 -14.79 1.97 35.59
C GLY A 160 -14.66 2.16 34.09
N LYS A 161 -15.77 2.16 33.35
CA LYS A 161 -15.76 2.59 31.95
C LYS A 161 -15.97 4.12 31.91
N SER A 162 -16.00 4.68 30.70
CA SER A 162 -16.17 6.13 30.46
C SER A 162 -17.66 6.47 30.30
N ARG A 163 -18.02 7.75 30.46
CA ARG A 163 -19.43 8.12 30.41
C ARG A 163 -19.98 7.83 29.01
N SER A 164 -19.32 8.40 27.99
CA SER A 164 -19.65 8.14 26.58
C SER A 164 -20.05 6.68 26.40
N HIS A 165 -19.19 5.78 26.90
CA HIS A 165 -19.39 4.37 26.73
C HIS A 165 -20.73 3.95 27.34
N VAL A 166 -20.94 4.33 28.60
CA VAL A 166 -22.18 4.04 29.33
C VAL A 166 -23.38 4.54 28.53
N ALA A 167 -23.30 5.79 28.07
CA ALA A 167 -24.35 6.43 27.28
C ALA A 167 -24.63 5.61 26.01
N ASN A 168 -23.57 5.41 25.21
CA ASN A 168 -23.66 4.74 23.91
C ASN A 168 -24.13 3.30 24.08
N THR A 169 -23.70 2.63 25.16
CA THR A 169 -24.11 1.24 25.41
C THR A 169 -25.63 1.17 25.58
N MET A 170 -26.19 2.08 26.39
CA MET A 170 -27.64 2.12 26.70
C MET A 170 -28.45 2.39 25.43
N ARG A 171 -27.90 3.22 24.53
CA ARG A 171 -28.60 3.64 23.31
C ARG A 171 -28.93 2.44 22.42
N LEU A 172 -28.17 1.35 22.54
CA LEU A 172 -28.37 0.14 21.75
C LEU A 172 -29.74 -0.48 22.05
N LEU A 173 -30.31 -0.18 23.21
CA LEU A 173 -31.63 -0.72 23.61
C LEU A 173 -32.77 -0.07 22.81
N ALA A 174 -32.48 1.08 22.20
CA ALA A 174 -33.41 1.81 21.35
C ALA A 174 -33.52 1.17 19.95
N LEU A 175 -32.57 0.27 19.61
CA LEU A 175 -32.54 -0.35 18.29
C LEU A 175 -33.69 -1.34 18.16
N PRO A 176 -34.25 -1.53 16.94
CA PRO A 176 -35.21 -2.62 16.70
C PRO A 176 -34.69 -3.99 17.15
N ASP A 177 -35.60 -4.90 17.49
CA ASP A 177 -35.25 -6.26 17.92
C ASP A 177 -34.39 -6.93 16.84
N GLU A 178 -34.80 -6.82 15.57
CA GLU A 178 -34.06 -7.32 14.42
C GLU A 178 -32.56 -6.97 14.56
N VAL A 179 -32.26 -5.69 14.81
CA VAL A 179 -30.89 -5.19 14.85
C VAL A 179 -30.19 -5.69 16.11
N GLN A 180 -30.93 -5.84 17.21
CA GLN A 180 -30.37 -6.33 18.47
C GLN A 180 -30.03 -7.82 18.34
N SER A 181 -30.78 -8.53 17.50
CA SER A 181 -30.51 -9.93 17.18
C SER A 181 -29.13 -10.07 16.52
N TYR A 182 -28.85 -9.20 15.54
CA TYR A 182 -27.59 -9.22 14.78
C TYR A 182 -26.38 -8.93 15.67
N LEU A 183 -26.61 -8.26 16.81
CA LEU A 183 -25.54 -7.86 17.71
C LEU A 183 -25.06 -9.08 18.51
N VAL A 184 -26.01 -9.96 18.89
CA VAL A 184 -25.72 -11.12 19.73
C VAL A 184 -25.37 -12.33 18.86
N SER A 185 -25.91 -12.37 17.64
CA SER A 185 -25.57 -13.40 16.65
C SER A 185 -24.11 -13.23 16.20
N GLY A 186 -23.64 -11.98 16.16
CA GLY A 186 -22.28 -11.63 15.76
C GLY A 186 -22.24 -10.96 14.39
N GLU A 187 -23.37 -10.98 13.68
CA GLU A 187 -23.47 -10.42 12.33
C GLU A 187 -23.14 -8.93 12.32
N LEU A 188 -23.39 -8.24 13.44
CA LEU A 188 -22.97 -6.84 13.65
C LEU A 188 -22.13 -6.75 14.94
N THR A 189 -21.29 -5.72 15.00
CA THR A 189 -20.53 -5.37 16.19
C THR A 189 -21.17 -4.13 16.84
N ALA A 190 -20.81 -3.89 18.11
CA ALA A 190 -21.24 -2.71 18.85
C ALA A 190 -21.02 -1.46 17.98
N GLY A 191 -19.78 -1.29 17.50
CA GLY A 191 -19.38 -0.16 16.67
C GLY A 191 -20.34 0.09 15.52
N HIS A 192 -20.77 -1.00 14.87
CA HIS A 192 -21.73 -0.92 13.75
C HIS A 192 -23.09 -0.39 14.25
N ALA A 193 -23.63 -1.04 15.28
CA ALA A 193 -24.96 -0.79 15.79
C ALA A 193 -25.07 0.64 16.34
N ARG A 194 -24.07 1.04 17.12
CA ARG A 194 -23.98 2.36 17.72
C ARG A 194 -24.03 3.43 16.63
N ALA A 195 -23.47 3.17 15.46
CA ALA A 195 -23.33 4.16 14.40
C ALA A 195 -24.63 4.32 13.61
N ILE A 196 -25.60 3.42 13.81
CA ILE A 196 -26.87 3.45 13.06
C ILE A 196 -28.07 3.57 14.02
N ALA A 197 -27.78 3.82 15.31
CA ALA A 197 -28.82 3.98 16.32
C ALA A 197 -29.65 5.24 16.02
N ALA A 198 -28.96 6.31 15.65
CA ALA A 198 -29.55 7.62 15.46
C ALA A 198 -30.21 7.73 14.07
N ALA A 199 -30.01 6.72 13.22
CA ALA A 199 -30.61 6.73 11.89
C ALA A 199 -32.09 6.34 12.00
N ALA A 200 -32.88 6.80 11.02
CA ALA A 200 -34.22 6.27 10.79
C ALA A 200 -34.09 5.10 9.81
N ASP A 201 -34.92 4.07 10.02
CA ASP A 201 -34.79 2.79 9.30
C ASP A 201 -33.39 2.23 9.55
N PRO A 202 -33.01 1.92 10.82
CA PRO A 202 -31.76 1.21 11.10
C PRO A 202 -31.69 -0.18 10.46
N VAL A 203 -32.82 -0.89 10.42
CA VAL A 203 -32.88 -2.26 9.87
C VAL A 203 -32.36 -2.24 8.42
N ALA A 204 -32.72 -1.22 7.65
CA ALA A 204 -32.29 -1.08 6.26
C ALA A 204 -30.77 -0.91 6.19
N LEU A 205 -30.20 -0.15 7.13
CA LEU A 205 -28.75 0.07 7.19
C LEU A 205 -28.05 -1.22 7.63
N ALA A 206 -28.64 -1.94 8.59
CA ALA A 206 -28.07 -3.20 9.09
C ALA A 206 -27.97 -4.21 7.94
N LYS A 207 -29.03 -4.29 7.13
CA LYS A 207 -29.09 -5.16 5.96
C LYS A 207 -27.98 -4.77 4.98
N GLN A 208 -27.82 -3.46 4.73
CA GLN A 208 -26.77 -2.92 3.85
C GLN A 208 -25.38 -3.36 4.34
N ILE A 209 -25.18 -3.29 5.66
CA ILE A 209 -23.89 -3.54 6.30
C ILE A 209 -23.50 -5.02 6.11
N ILE A 210 -24.43 -5.92 6.42
CA ILE A 210 -24.20 -7.35 6.39
C ILE A 210 -23.96 -7.78 4.94
N GLU A 211 -24.90 -7.42 4.05
CA GLU A 211 -24.83 -7.77 2.63
C GLU A 211 -23.48 -7.33 2.03
N GLY A 212 -23.06 -6.09 2.35
CA GLY A 212 -21.88 -5.48 1.75
C GLY A 212 -20.61 -5.68 2.56
N GLY A 213 -20.72 -6.41 3.68
CA GLY A 213 -19.60 -6.66 4.60
C GLY A 213 -18.81 -5.40 4.88
N LEU A 214 -19.52 -4.36 5.33
CA LEU A 214 -18.95 -3.02 5.47
C LEU A 214 -18.23 -2.93 6.81
N SER A 215 -17.24 -2.02 6.86
CA SER A 215 -16.54 -1.66 8.08
C SER A 215 -17.41 -0.71 8.90
N VAL A 216 -16.98 -0.46 10.14
CA VAL A 216 -17.64 0.51 11.01
C VAL A 216 -17.46 1.91 10.41
N ARG A 217 -16.27 2.18 9.87
CA ARG A 217 -15.96 3.47 9.25
C ARG A 217 -16.90 3.72 8.08
N GLU A 218 -17.22 2.67 7.32
CA GLU A 218 -18.08 2.78 6.15
C GLU A 218 -19.52 3.11 6.60
N THR A 219 -19.97 2.42 7.65
CA THR A 219 -21.32 2.60 8.19
C THR A 219 -21.50 4.03 8.74
N GLU A 220 -20.42 4.56 9.31
CA GLU A 220 -20.38 5.93 9.80
C GLU A 220 -20.55 6.89 8.63
N ALA A 221 -19.97 6.60 7.46
CA ALA A 221 -20.12 7.44 6.28
C ALA A 221 -21.53 7.28 5.70
N LEU A 222 -22.12 6.08 5.83
CA LEU A 222 -23.48 5.78 5.35
C LEU A 222 -24.50 6.64 6.14
N ALA A 223 -24.40 6.53 7.46
CA ALA A 223 -25.33 7.17 8.37
C ALA A 223 -25.18 8.70 8.29
N ARG A 224 -23.95 9.14 7.97
CA ARG A 224 -23.62 10.54 7.90
C ARG A 224 -24.38 11.22 6.75
N LYS A 225 -24.66 10.45 5.67
CA LYS A 225 -25.33 11.00 4.49
C LYS A 225 -26.83 10.67 4.50
N ALA A 226 -27.39 10.33 5.69
CA ALA A 226 -28.82 10.42 5.95
C ALA A 226 -29.24 11.89 5.93
N PRO A 227 -30.44 12.22 5.41
CA PRO A 227 -30.79 13.62 5.16
C PRO A 227 -31.00 14.50 6.40
N ASN A 228 -31.66 13.99 7.45
CA ASN A 228 -32.21 14.80 8.56
C ASN A 228 -33.26 15.78 8.01
N SER B 34 -19.22 -37.66 30.09
CA SER B 34 -18.74 -37.02 31.35
C SER B 34 -19.37 -37.71 32.57
N ARG B 35 -18.56 -38.50 33.29
CA ARG B 35 -18.96 -39.21 34.51
C ARG B 35 -18.83 -38.28 35.73
N GLU B 36 -19.77 -38.43 36.66
CA GLU B 36 -19.75 -37.75 37.97
C GLU B 36 -18.77 -38.51 38.87
N ALA B 37 -17.94 -37.77 39.60
CA ALA B 37 -16.89 -38.34 40.46
C ALA B 37 -16.80 -37.56 41.76
N PRO B 38 -16.58 -38.22 42.93
CA PRO B 38 -16.32 -37.50 44.18
C PRO B 38 -15.11 -36.55 44.04
N ILE B 39 -15.26 -35.33 44.59
CA ILE B 39 -14.21 -34.29 44.56
C ILE B 39 -12.99 -34.76 45.37
N GLU B 40 -13.22 -35.70 46.29
CA GLU B 40 -12.19 -36.29 47.15
C GLU B 40 -11.10 -37.00 46.35
N ILE B 41 -11.48 -37.63 45.24
CA ILE B 41 -10.61 -38.62 44.55
C ILE B 41 -9.89 -37.98 43.37
N LEU B 42 -9.92 -36.65 43.26
CA LEU B 42 -9.15 -35.92 42.24
C LEU B 42 -7.94 -35.26 42.91
N GLN B 43 -6.83 -35.17 42.17
CA GLN B 43 -5.58 -34.61 42.67
C GLN B 43 -4.93 -33.78 41.55
N ARG B 44 -4.17 -32.76 41.95
CA ARG B 44 -3.45 -31.91 41.01
C ARG B 44 -2.17 -32.62 40.56
N ASN B 45 -1.63 -32.17 39.42
CA ASN B 45 -0.44 -32.78 38.82
C ASN B 45 0.79 -32.16 39.45
N PRO B 46 1.59 -32.91 40.24
CA PRO B 46 2.86 -32.38 40.78
C PRO B 46 3.87 -32.01 39.68
N ASP B 47 3.81 -32.73 38.55
CA ASP B 47 4.77 -32.61 37.45
C ASP B 47 4.61 -31.23 36.80
N GLN B 48 3.40 -30.93 36.31
CA GLN B 48 3.15 -29.66 35.61
C GLN B 48 3.30 -28.53 36.64
N PRO B 49 3.96 -27.39 36.29
CA PRO B 49 4.34 -26.38 37.28
C PRO B 49 3.21 -25.85 38.19
N ARG B 50 3.61 -25.34 39.36
CA ARG B 50 2.70 -24.92 40.44
C ARG B 50 1.88 -23.71 39.98
N ARG B 51 0.63 -23.98 39.55
CA ARG B 51 -0.31 -22.95 39.12
C ARG B 51 -0.96 -22.31 40.36
N THR B 52 -0.89 -20.97 40.45
CA THR B 52 -1.54 -20.15 41.48
C THR B 52 -2.55 -19.22 40.81
N PHE B 53 -3.72 -19.06 41.45
CA PHE B 53 -4.86 -18.34 40.90
C PHE B 53 -5.30 -17.23 41.88
N ARG B 54 -5.72 -16.08 41.33
CA ARG B 54 -6.10 -14.91 42.10
C ARG B 54 -7.38 -15.22 42.88
N GLU B 55 -7.33 -14.96 44.20
CA GLU B 55 -8.45 -15.19 45.13
C GLU B 55 -9.74 -14.63 44.53
N GLU B 56 -9.68 -13.39 44.03
CA GLU B 56 -10.82 -12.69 43.42
C GLU B 56 -11.45 -13.57 42.35
N ASP B 57 -10.62 -14.07 41.42
CA ASP B 57 -11.06 -14.88 40.27
C ASP B 57 -11.70 -16.19 40.77
N LEU B 58 -11.12 -16.76 41.83
CA LEU B 58 -11.56 -18.04 42.40
C LEU B 58 -12.86 -17.85 43.18
N GLU B 59 -12.96 -16.72 43.92
CA GLU B 59 -14.17 -16.38 44.69
C GLU B 59 -15.34 -16.14 43.73
N ASP B 60 -15.03 -15.58 42.55
CA ASP B 60 -16.00 -15.28 41.51
C ASP B 60 -16.56 -16.60 40.94
N LEU B 61 -15.64 -17.48 40.52
CA LEU B 61 -15.97 -18.78 39.94
C LEU B 61 -16.76 -19.61 40.96
N SER B 62 -16.23 -19.68 42.19
CA SER B 62 -16.89 -20.35 43.31
C SER B 62 -18.38 -20.00 43.30
N ASN B 63 -18.67 -18.68 43.23
CA ASN B 63 -20.03 -18.16 43.37
C ASN B 63 -20.89 -18.53 42.15
N SER B 64 -20.25 -18.64 40.98
CA SER B 64 -20.95 -18.99 39.73
C SER B 64 -21.40 -20.47 39.78
N LEU B 71 -20.26 -27.32 35.90
CA LEU B 71 -20.96 -27.77 34.69
C LEU B 71 -20.12 -27.45 33.43
N GLN B 72 -18.79 -27.37 33.62
CA GLN B 72 -17.82 -27.56 32.52
C GLN B 72 -16.87 -28.68 32.93
N PRO B 73 -17.00 -29.89 32.34
CA PRO B 73 -16.20 -31.05 32.78
C PRO B 73 -14.70 -30.78 32.92
N ILE B 74 -14.08 -31.44 33.90
CA ILE B 74 -12.65 -31.36 34.19
C ILE B 74 -11.95 -32.53 33.48
N LEU B 75 -10.92 -32.23 32.68
CA LEU B 75 -10.17 -33.25 31.95
C LEU B 75 -9.17 -33.92 32.90
N VAL B 76 -9.33 -35.24 33.07
CA VAL B 76 -8.61 -36.05 34.05
C VAL B 76 -7.99 -37.25 33.33
N ARG B 77 -7.07 -37.93 34.02
CA ARG B 77 -6.50 -39.21 33.56
C ARG B 77 -6.20 -40.07 34.79
N PRO B 78 -6.29 -41.42 34.69
CA PRO B 78 -6.07 -42.29 35.85
C PRO B 78 -4.77 -41.96 36.59
N SER B 79 -4.87 -41.85 37.93
CA SER B 79 -3.79 -41.39 38.78
C SER B 79 -2.65 -42.41 38.80
N PRO B 80 -1.41 -42.02 38.45
CA PRO B 80 -0.24 -42.88 38.68
C PRO B 80 0.07 -43.15 40.16
N ASP B 81 -0.26 -42.20 41.04
CA ASP B 81 0.01 -42.30 42.48
C ASP B 81 -0.97 -43.29 43.13
N THR B 82 -2.27 -42.95 43.15
CA THR B 82 -3.34 -43.83 43.67
C THR B 82 -3.70 -44.86 42.59
N ALA B 83 -4.85 -45.52 42.72
CA ALA B 83 -5.29 -46.54 41.76
C ALA B 83 -6.66 -46.17 41.17
N GLY B 84 -7.65 -45.96 42.04
CA GLY B 84 -9.00 -45.59 41.62
C GLY B 84 -9.20 -44.10 41.51
N GLU B 85 -8.21 -43.32 41.93
CA GLU B 85 -8.25 -41.85 41.88
C GLU B 85 -7.85 -41.37 40.48
N TYR B 86 -8.20 -40.12 40.16
CA TYR B 86 -7.86 -39.48 38.88
C TYR B 86 -6.91 -38.29 39.14
N GLN B 87 -6.10 -37.98 38.13
CA GLN B 87 -5.22 -36.82 38.12
C GLN B 87 -5.77 -35.81 37.10
N ILE B 88 -5.64 -34.51 37.42
CA ILE B 88 -6.17 -33.43 36.59
C ILE B 88 -5.13 -33.07 35.53
N VAL B 89 -5.58 -32.98 34.27
CA VAL B 89 -4.75 -32.50 33.17
C VAL B 89 -5.17 -31.06 32.83
N ALA B 90 -6.48 -30.77 32.95
CA ALA B 90 -7.03 -29.44 32.67
C ALA B 90 -8.28 -29.21 33.50
N GLY B 91 -8.37 -28.01 34.10
CA GLY B 91 -9.52 -27.54 34.88
C GLY B 91 -9.20 -27.48 36.38
N GLU B 92 -7.97 -27.08 36.73
CA GLU B 92 -7.55 -27.05 38.14
C GLU B 92 -8.30 -25.93 38.87
N ARG B 93 -8.64 -24.86 38.15
CA ARG B 93 -9.37 -23.70 38.71
C ARG B 93 -10.78 -24.12 39.13
N ARG B 94 -11.56 -24.70 38.20
CA ARG B 94 -12.94 -25.11 38.46
C ARG B 94 -12.99 -26.13 39.59
N TRP B 95 -11.98 -27.01 39.63
CA TRP B 95 -11.83 -27.97 40.70
C TRP B 95 -11.76 -27.23 42.05
N ARG B 96 -10.82 -26.29 42.14
CA ARG B 96 -10.60 -25.48 43.34
C ARG B 96 -11.89 -24.70 43.67
N ALA B 97 -12.54 -24.18 42.63
CA ALA B 97 -13.78 -23.40 42.75
C ALA B 97 -14.91 -24.28 43.30
N ALA B 98 -15.03 -25.50 42.78
CA ALA B 98 -16.06 -26.45 43.20
C ALA B 98 -15.89 -26.79 44.69
N GLN B 99 -14.63 -26.93 45.14
CA GLN B 99 -14.31 -27.20 46.55
C GLN B 99 -14.86 -26.07 47.43
N ARG B 100 -14.68 -24.82 46.98
CA ARG B 100 -15.17 -23.63 47.70
C ARG B 100 -16.70 -23.66 47.73
N ALA B 101 -17.32 -23.98 46.59
CA ALA B 101 -18.79 -24.05 46.44
C ALA B 101 -19.37 -25.22 47.23
N GLY B 102 -18.53 -26.18 47.62
CA GLY B 102 -18.90 -27.24 48.56
C GLY B 102 -19.59 -28.42 47.91
N LEU B 103 -19.34 -28.62 46.61
CA LEU B 103 -19.89 -29.76 45.86
C LEU B 103 -19.27 -31.06 46.37
N LYS B 104 -20.10 -32.09 46.54
CA LYS B 104 -19.66 -33.41 46.98
C LYS B 104 -19.02 -34.17 45.81
N THR B 105 -19.56 -33.96 44.60
CA THR B 105 -19.13 -34.65 43.38
C THR B 105 -19.08 -33.64 42.22
N VAL B 106 -18.08 -33.81 41.34
CA VAL B 106 -17.77 -32.87 40.26
C VAL B 106 -17.66 -33.63 38.94
N PRO B 107 -18.12 -33.05 37.81
CA PRO B 107 -18.04 -33.72 36.51
C PRO B 107 -16.60 -33.79 35.96
N ILE B 108 -16.14 -35.01 35.68
CA ILE B 108 -14.85 -35.26 35.04
C ILE B 108 -15.09 -35.84 33.65
N MET B 109 -14.04 -35.80 32.82
CA MET B 109 -14.01 -36.43 31.50
C MET B 109 -12.62 -37.04 31.31
N VAL B 110 -12.58 -38.38 31.33
CA VAL B 110 -11.34 -39.13 31.43
C VAL B 110 -10.82 -39.42 30.02
N ARG B 111 -9.48 -39.45 29.92
CA ARG B 111 -8.73 -39.81 28.73
C ARG B 111 -7.31 -40.18 29.17
N GLU B 112 -6.71 -41.20 28.53
CA GLU B 112 -5.36 -41.66 28.91
C GLU B 112 -4.33 -40.89 28.04
N LEU B 113 -3.16 -40.61 28.60
CA LEU B 113 -2.34 -39.49 28.15
C LEU B 113 -0.94 -39.63 28.74
N ASP B 114 0.07 -39.59 27.86
CA ASP B 114 1.48 -39.63 28.20
C ASP B 114 1.82 -38.44 29.11
N ASP B 115 2.79 -38.63 30.01
CA ASP B 115 3.23 -37.57 30.94
C ASP B 115 3.65 -36.32 30.16
N LEU B 116 4.19 -36.51 28.95
CA LEU B 116 4.57 -35.41 28.06
C LEU B 116 3.31 -34.72 27.52
N ALA B 117 2.28 -35.53 27.21
CA ALA B 117 1.00 -35.02 26.70
C ALA B 117 0.32 -34.15 27.78
N VAL B 118 0.48 -34.52 29.06
CA VAL B 118 -0.15 -33.78 30.16
C VAL B 118 0.64 -32.49 30.42
N LEU B 119 1.96 -32.54 30.30
CA LEU B 119 2.80 -31.34 30.35
C LEU B 119 2.38 -30.37 29.24
N GLU B 120 2.17 -30.92 28.04
CA GLU B 120 1.84 -30.15 26.84
C GLU B 120 0.49 -29.43 27.00
N ILE B 121 -0.55 -30.18 27.39
CA ILE B 121 -1.90 -29.65 27.58
C ILE B 121 -1.88 -28.58 28.68
N GLY B 122 -1.08 -28.82 29.72
CA GLY B 122 -0.90 -27.88 30.83
C GLY B 122 -0.41 -26.51 30.38
N ILE B 123 0.50 -26.49 29.40
CA ILE B 123 1.06 -25.25 28.86
C ILE B 123 0.04 -24.58 27.93
N ILE B 124 -0.64 -25.38 27.09
CA ILE B 124 -1.60 -24.85 26.12
C ILE B 124 -2.81 -24.27 26.86
N GLU B 125 -3.18 -24.88 28.00
CA GLU B 125 -4.25 -24.35 28.86
C GLU B 125 -3.82 -23.01 29.46
N ASN B 126 -2.58 -22.97 29.97
CA ASN B 126 -2.02 -21.81 30.66
C ASN B 126 -1.96 -20.59 29.73
N VAL B 127 -1.62 -20.81 28.45
CA VAL B 127 -1.53 -19.72 27.47
C VAL B 127 -2.93 -19.16 27.20
N GLN B 128 -3.92 -20.06 27.08
CA GLN B 128 -5.29 -19.70 26.74
C GLN B 128 -5.90 -18.81 27.84
N ARG B 129 -5.46 -19.00 29.09
CA ARG B 129 -5.80 -18.08 30.20
C ARG B 129 -5.31 -16.68 29.81
N ALA B 130 -6.19 -15.68 30.02
CA ALA B 130 -5.93 -14.27 29.64
C ALA B 130 -5.06 -13.56 30.69
N ASP B 131 -4.73 -14.24 31.79
CA ASP B 131 -3.99 -13.67 32.92
C ASP B 131 -2.55 -13.34 32.50
N LEU B 132 -1.99 -14.17 31.62
CA LEU B 132 -0.54 -14.18 31.32
C LEU B 132 -0.12 -12.90 30.60
N ASN B 133 1.14 -12.48 30.76
CA ASN B 133 1.67 -11.31 30.05
C ASN B 133 2.48 -11.80 28.84
N VAL B 134 2.83 -10.88 27.93
CA VAL B 134 3.30 -11.24 26.57
C VAL B 134 4.63 -12.00 26.65
N LEU B 135 5.49 -11.68 27.62
CA LEU B 135 6.77 -12.37 27.74
C LEU B 135 6.55 -13.80 28.24
N GLU B 136 5.64 -13.98 29.20
CA GLU B 136 5.24 -15.32 29.67
C GLU B 136 4.61 -16.10 28.50
N GLU B 137 3.81 -15.40 27.69
CA GLU B 137 3.12 -15.99 26.56
C GLU B 137 4.14 -16.47 25.51
N ALA B 138 5.18 -15.65 25.27
CA ALA B 138 6.21 -15.95 24.29
C ALA B 138 6.99 -17.21 24.72
N LEU B 139 7.40 -17.25 25.99
CA LEU B 139 8.10 -18.40 26.54
C LEU B 139 7.28 -19.69 26.31
N SER B 140 5.98 -19.61 26.57
CA SER B 140 5.09 -20.75 26.37
C SER B 140 5.16 -21.24 24.91
N TYR B 141 5.23 -20.30 23.97
CA TYR B 141 5.30 -20.64 22.55
C TYR B 141 6.67 -21.24 22.21
N LYS B 142 7.75 -20.68 22.78
CA LYS B 142 9.11 -21.19 22.55
C LYS B 142 9.21 -22.64 23.04
N VAL B 143 8.65 -22.92 24.22
CA VAL B 143 8.72 -24.24 24.84
C VAL B 143 7.89 -25.25 24.02
N LEU B 144 6.74 -24.82 23.52
CA LEU B 144 5.89 -25.69 22.68
C LEU B 144 6.60 -26.09 21.40
N MET B 145 7.45 -25.18 20.91
CA MET B 145 8.12 -25.27 19.62
C MET B 145 9.41 -26.09 19.76
N GLU B 146 10.19 -25.79 20.80
CA GLU B 146 11.42 -26.50 21.16
C GLU B 146 11.08 -27.89 21.74
N LYS B 147 10.68 -27.93 23.01
CA LYS B 147 10.57 -29.16 23.79
C LYS B 147 9.42 -30.04 23.28
N PHE B 148 8.50 -29.50 22.47
CA PHE B 148 7.38 -30.33 21.97
C PHE B 148 7.31 -30.31 20.44
N GLU B 149 8.28 -29.68 19.77
CA GLU B 149 8.50 -29.82 18.33
C GLU B 149 7.21 -29.54 17.55
N ARG B 150 6.45 -28.54 18.01
CA ARG B 150 5.22 -28.09 17.34
C ARG B 150 5.61 -26.97 16.37
N THR B 151 4.93 -26.92 15.22
CA THR B 151 5.10 -25.83 14.26
C THR B 151 4.28 -24.62 14.74
N GLN B 152 4.66 -23.42 14.29
CA GLN B 152 3.95 -22.19 14.63
C GLN B 152 2.47 -22.38 14.28
N GLU B 153 2.22 -22.75 13.02
CA GLU B 153 0.89 -23.02 12.50
C GLU B 153 0.13 -23.97 13.43
N ASN B 154 0.82 -24.97 13.98
CA ASN B 154 0.22 -25.94 14.92
C ASN B 154 -0.24 -25.20 16.18
N ILE B 155 0.68 -24.43 16.77
CA ILE B 155 0.44 -23.71 18.01
C ILE B 155 -0.75 -22.77 17.81
N ALA B 156 -0.73 -22.04 16.69
CA ALA B 156 -1.77 -21.06 16.36
C ALA B 156 -3.14 -21.75 16.34
N GLN B 157 -3.25 -22.86 15.61
CA GLN B 157 -4.52 -23.59 15.50
C GLN B 157 -4.97 -24.05 16.89
N THR B 158 -4.01 -24.45 17.72
CA THR B 158 -4.28 -25.00 19.05
C THR B 158 -4.82 -23.91 19.99
N ILE B 159 -4.15 -22.75 20.00
CA ILE B 159 -4.38 -21.70 20.96
C ILE B 159 -5.37 -20.66 20.41
N GLY B 160 -5.66 -20.71 19.10
CA GLY B 160 -6.77 -19.97 18.50
C GLY B 160 -6.39 -18.57 18.01
N LYS B 161 -5.15 -18.14 18.23
CA LYS B 161 -4.63 -16.94 17.60
C LYS B 161 -4.07 -17.31 16.20
N SER B 162 -3.54 -16.30 15.51
CA SER B 162 -2.98 -16.44 14.16
C SER B 162 -1.49 -16.78 14.23
N ARG B 163 -0.92 -17.32 13.15
CA ARG B 163 0.48 -17.72 13.17
C ARG B 163 1.37 -16.50 13.38
N SER B 164 1.19 -15.50 12.50
CA SER B 164 1.81 -14.18 12.61
C SER B 164 1.96 -13.79 14.10
N HIS B 165 0.85 -13.85 14.82
CA HIS B 165 0.81 -13.44 16.21
C HIS B 165 1.80 -14.28 17.01
N VAL B 166 1.70 -15.59 16.89
CA VAL B 166 2.57 -16.53 17.60
C VAL B 166 4.03 -16.20 17.29
N ALA B 167 4.33 -16.01 16.01
CA ALA B 167 5.66 -15.67 15.55
C ALA B 167 6.14 -14.36 16.19
N ASN B 168 5.36 -13.29 15.99
CA ASN B 168 5.71 -11.95 16.46
C ASN B 168 5.82 -11.91 17.99
N THR B 169 4.98 -12.69 18.69
CA THR B 169 5.04 -12.74 20.14
C THR B 169 6.40 -13.27 20.61
N MET B 170 6.87 -14.37 19.98
CA MET B 170 8.14 -15.03 20.34
C MET B 170 9.32 -14.09 20.08
N ARG B 171 9.22 -13.27 19.02
CA ARG B 171 10.30 -12.38 18.60
C ARG B 171 10.66 -11.37 19.70
N LEU B 172 9.71 -11.08 20.60
CA LEU B 172 9.92 -10.11 21.67
C LEU B 172 11.02 -10.59 22.64
N LEU B 173 11.27 -11.91 22.66
CA LEU B 173 12.29 -12.50 23.55
C LEU B 173 13.70 -12.15 23.08
N ALA B 174 13.83 -11.76 21.80
CA ALA B 174 15.09 -11.35 21.19
C ALA B 174 15.47 -9.91 21.61
N LEU B 175 14.52 -9.15 22.16
CA LEU B 175 14.73 -7.76 22.51
C LEU B 175 15.69 -7.63 23.69
N PRO B 176 16.50 -6.55 23.73
CA PRO B 176 17.32 -6.24 24.91
C PRO B 176 16.51 -6.21 26.22
N ASP B 177 17.18 -6.50 27.33
CA ASP B 177 16.56 -6.56 28.65
C ASP B 177 15.87 -5.21 28.94
N GLU B 178 16.59 -4.11 28.68
CA GLU B 178 16.07 -2.75 28.85
C GLU B 178 14.68 -2.64 28.23
N VAL B 179 14.54 -3.09 26.97
CA VAL B 179 13.29 -2.93 26.22
C VAL B 179 12.22 -3.88 26.78
N GLN B 180 12.63 -5.06 27.26
CA GLN B 180 11.70 -6.02 27.82
C GLN B 180 11.18 -5.53 29.17
N SER B 181 12.00 -4.73 29.86
CA SER B 181 11.58 -4.06 31.10
C SER B 181 10.40 -3.12 30.84
N TYR B 182 10.51 -2.31 29.78
CA TYR B 182 9.50 -1.31 29.41
C TYR B 182 8.17 -1.97 29.01
N LEU B 183 8.24 -3.23 28.60
CA LEU B 183 7.08 -3.97 28.12
C LEU B 183 6.21 -4.39 29.31
N VAL B 184 6.86 -4.76 30.43
CA VAL B 184 6.17 -5.27 31.62
C VAL B 184 5.83 -4.11 32.56
N SER B 185 6.63 -3.05 32.52
CA SER B 185 6.36 -1.82 33.28
C SER B 185 5.11 -1.13 32.72
N GLY B 186 4.90 -1.26 31.40
CA GLY B 186 3.76 -0.67 30.70
C GLY B 186 4.18 0.52 29.83
N GLU B 187 5.42 0.97 29.99
CA GLU B 187 5.95 2.14 29.29
C GLU B 187 5.91 1.92 27.77
N LEU B 188 6.01 0.66 27.34
CA LEU B 188 5.80 0.28 25.92
C LEU B 188 4.71 -0.79 25.85
N THR B 189 4.08 -0.85 24.67
CA THR B 189 3.12 -1.88 24.33
C THR B 189 3.78 -2.90 23.37
N ALA B 190 3.16 -4.08 23.26
CA ALA B 190 3.61 -5.13 22.34
C ALA B 190 3.86 -4.53 20.96
N GLY B 191 2.83 -3.84 20.44
CA GLY B 191 2.86 -3.16 19.14
C GLY B 191 4.12 -2.33 18.94
N HIS B 192 4.51 -1.58 19.98
CA HIS B 192 5.71 -0.74 19.96
C HIS B 192 6.96 -1.61 19.82
N ALA B 193 7.10 -2.58 20.73
CA ALA B 193 8.29 -3.42 20.87
C ALA B 193 8.51 -4.25 19.60
N ARG B 194 7.43 -4.85 19.11
CA ARG B 194 7.43 -5.68 17.92
C ARG B 194 7.93 -4.87 16.71
N ALA B 195 7.64 -3.58 16.67
CA ALA B 195 7.95 -2.73 15.51
C ALA B 195 9.42 -2.28 15.52
N ILE B 196 10.13 -2.50 16.64
CA ILE B 196 11.54 -2.06 16.77
C ILE B 196 12.45 -3.26 17.04
N ALA B 197 11.91 -4.47 16.96
CA ALA B 197 12.65 -5.71 17.21
C ALA B 197 13.74 -5.88 16.15
N ALA B 198 13.37 -5.62 14.90
CA ALA B 198 14.21 -5.86 13.74
C ALA B 198 15.22 -4.72 13.55
N ALA B 199 15.09 -3.64 14.33
CA ALA B 199 16.00 -2.52 14.22
C ALA B 199 17.30 -2.84 14.97
N ALA B 200 18.39 -2.18 14.56
CA ALA B 200 19.62 -2.12 15.35
C ALA B 200 19.52 -0.93 16.31
N ASP B 201 20.07 -1.12 17.52
CA ASP B 201 19.88 -0.17 18.63
C ASP B 201 18.40 0.03 18.89
N PRO B 202 17.64 -1.03 19.26
CA PRO B 202 16.25 -0.86 19.70
C PRO B 202 16.09 0.04 20.94
N VAL B 203 17.04 -0.05 21.88
CA VAL B 203 16.98 0.71 23.14
C VAL B 203 16.89 2.21 22.82
N ALA B 204 17.64 2.66 21.81
CA ALA B 204 17.66 4.06 21.39
C ALA B 204 16.27 4.46 20.88
N LEU B 205 15.62 3.56 20.14
CA LEU B 205 14.28 3.80 19.60
C LEU B 205 13.26 3.80 20.76
N ALA B 206 13.41 2.88 21.72
CA ALA B 206 12.51 2.79 22.86
C ALA B 206 12.53 4.10 23.66
N LYS B 207 13.73 4.63 23.88
CA LYS B 207 13.93 5.90 24.57
C LYS B 207 13.24 7.03 23.81
N GLN B 208 13.40 7.04 22.48
CA GLN B 208 12.77 8.04 21.60
C GLN B 208 11.24 7.97 21.73
N ILE B 209 10.70 6.75 21.82
CA ILE B 209 9.26 6.50 21.85
C ILE B 209 8.66 7.05 23.13
N ILE B 210 9.28 6.71 24.27
CA ILE B 210 8.80 7.09 25.59
C ILE B 210 8.89 8.62 25.73
N GLU B 211 10.07 9.18 25.47
CA GLU B 211 10.32 10.62 25.57
C GLU B 211 9.28 11.39 24.74
N GLY B 212 9.03 10.93 23.51
CA GLY B 212 8.17 11.64 22.55
C GLY B 212 6.72 11.19 22.58
N GLY B 213 6.40 10.25 23.49
CA GLY B 213 5.06 9.67 23.60
C GLY B 213 4.47 9.31 22.25
N LEU B 214 5.22 8.53 21.46
CA LEU B 214 4.88 8.24 20.09
C LEU B 214 3.87 7.10 20.04
N SER B 215 3.07 7.09 18.95
CA SER B 215 2.15 6.01 18.64
C SER B 215 2.92 4.84 18.03
N VAL B 216 2.23 3.70 17.88
CA VAL B 216 2.80 2.54 17.23
C VAL B 216 3.04 2.86 15.76
N ARG B 217 2.10 3.59 15.14
CA ARG B 217 2.23 3.97 13.73
C ARG B 217 3.49 4.82 13.53
N GLU B 218 3.77 5.68 14.49
CA GLU B 218 4.92 6.58 14.41
C GLU B 218 6.21 5.77 14.51
N THR B 219 6.24 4.82 15.45
CA THR B 219 7.42 3.97 15.69
C THR B 219 7.72 3.10 14.45
N GLU B 220 6.65 2.66 13.76
CA GLU B 220 6.75 1.91 12.54
C GLU B 220 7.45 2.76 11.48
N ALA B 221 7.14 4.07 11.41
CA ALA B 221 7.78 4.95 10.44
C ALA B 221 9.22 5.24 10.87
N LEU B 222 9.45 5.29 12.18
CA LEU B 222 10.78 5.58 12.75
C LEU B 222 11.74 4.43 12.44
N ALA B 223 11.29 3.21 12.73
CA ALA B 223 12.08 2.00 12.58
C ALA B 223 12.32 1.74 11.09
N ARG B 224 11.37 2.17 10.26
CA ARG B 224 11.42 1.96 8.83
C ARG B 224 12.60 2.75 8.23
N LYS B 225 12.90 3.91 8.81
CA LYS B 225 13.95 4.79 8.29
C LYS B 225 15.19 4.71 9.18
N ALA B 226 15.41 3.54 9.78
CA ALA B 226 16.54 3.27 10.66
C ALA B 226 17.21 1.98 10.23
N PRO B 227 18.56 1.86 10.35
CA PRO B 227 19.25 0.62 10.00
C PRO B 227 18.75 -0.57 10.84
N ASN B 228 18.95 -1.78 10.31
CA ASN B 228 18.45 -3.02 10.90
C ASN B 228 19.60 -4.00 11.12
N LEU B 229 19.48 -4.79 12.20
CA LEU B 229 20.40 -5.87 12.59
C LEU B 229 19.58 -7.04 13.17
N SER C 34 -11.98 32.75 -24.46
CA SER C 34 -12.03 31.56 -25.39
C SER C 34 -13.47 31.07 -25.54
N ARG C 35 -14.08 31.35 -26.70
CA ARG C 35 -15.45 30.94 -27.02
C ARG C 35 -15.45 29.52 -27.60
N GLU C 36 -16.48 28.73 -27.25
CA GLU C 36 -16.75 27.44 -27.89
C GLU C 36 -17.44 27.70 -29.24
N ALA C 37 -17.00 27.00 -30.28
CA ALA C 37 -17.47 27.21 -31.65
C ALA C 37 -17.69 25.87 -32.35
N PRO C 38 -18.74 25.71 -33.19
CA PRO C 38 -18.91 24.50 -33.98
C PRO C 38 -17.68 24.18 -34.86
N ILE C 39 -17.28 22.91 -34.86
CA ILE C 39 -16.07 22.42 -35.54
C ILE C 39 -16.24 22.58 -37.06
N GLU C 40 -17.51 22.65 -37.50
CA GLU C 40 -17.91 22.80 -38.90
C GLU C 40 -17.33 24.08 -39.52
N ILE C 41 -17.20 25.15 -38.73
CA ILE C 41 -17.01 26.51 -39.26
C ILE C 41 -15.52 26.90 -39.26
N LEU C 42 -14.61 25.95 -39.01
CA LEU C 42 -13.18 26.17 -39.10
C LEU C 42 -12.64 25.54 -40.40
N GLN C 43 -11.60 26.16 -40.96
CA GLN C 43 -10.86 25.61 -42.11
C GLN C 43 -9.37 25.89 -41.90
N ARG C 44 -8.52 25.04 -42.49
CA ARG C 44 -7.06 25.22 -42.41
C ARG C 44 -6.63 26.26 -43.46
N ASN C 45 -5.43 26.82 -43.28
CA ASN C 45 -4.90 27.87 -44.14
C ASN C 45 -4.26 27.23 -45.39
N PRO C 46 -4.84 27.39 -46.59
CA PRO C 46 -4.23 26.88 -47.82
C PRO C 46 -2.85 27.50 -48.11
N ASP C 47 -2.65 28.75 -47.68
CA ASP C 47 -1.43 29.51 -47.88
C ASP C 47 -0.29 28.90 -47.05
N GLN C 48 -0.57 27.91 -46.17
CA GLN C 48 0.45 27.35 -45.29
C GLN C 48 0.95 26.03 -45.89
N PRO C 49 2.28 25.77 -45.85
CA PRO C 49 2.87 24.49 -46.25
C PRO C 49 2.18 23.21 -45.76
N ARG C 50 2.41 22.13 -46.50
CA ARG C 50 1.81 20.80 -46.29
C ARG C 50 2.22 20.25 -44.91
N ARG C 51 1.33 20.40 -43.93
CA ARG C 51 1.54 19.86 -42.58
C ARG C 51 1.16 18.37 -42.58
N THR C 52 2.10 17.52 -42.13
CA THR C 52 1.88 16.05 -42.01
C THR C 52 2.01 15.64 -40.54
N PHE C 53 1.05 14.81 -40.09
CA PHE C 53 1.01 14.29 -38.71
C PHE C 53 0.98 12.76 -38.77
N ARG C 54 1.75 12.12 -37.88
CA ARG C 54 1.80 10.65 -37.79
C ARG C 54 0.45 10.14 -37.26
N GLU C 55 -0.14 9.18 -37.97
CA GLU C 55 -1.43 8.55 -37.60
C GLU C 55 -1.44 8.18 -36.12
N GLU C 56 -0.36 7.54 -35.66
CA GLU C 56 -0.21 7.12 -34.26
C GLU C 56 -0.45 8.32 -33.33
N ASP C 57 0.26 9.42 -33.61
CA ASP C 57 0.22 10.63 -32.81
C ASP C 57 -1.20 11.24 -32.83
N LEU C 58 -1.87 11.16 -33.99
CA LEU C 58 -3.22 11.72 -34.18
C LEU C 58 -4.26 10.83 -33.49
N GLU C 59 -4.09 9.51 -33.57
CA GLU C 59 -4.98 8.54 -32.92
C GLU C 59 -4.88 8.71 -31.40
N ASP C 60 -3.68 9.05 -30.92
CA ASP C 60 -3.40 9.26 -29.50
C ASP C 60 -4.12 10.52 -29.02
N LEU C 61 -3.92 11.62 -29.74
CA LEU C 61 -4.52 12.93 -29.44
C LEU C 61 -6.04 12.81 -29.50
N SER C 62 -6.55 12.22 -30.59
CA SER C 62 -7.97 11.91 -30.73
C SER C 62 -8.52 11.37 -29.40
N ASN C 63 -7.84 10.36 -28.85
CA ASN C 63 -8.30 9.62 -27.68
C ASN C 63 -8.20 10.48 -26.42
N SER C 64 -7.23 11.41 -26.39
CA SER C 64 -7.05 12.33 -25.25
C SER C 64 -8.20 13.34 -25.21
N ILE C 65 -8.46 13.96 -26.37
CA ILE C 65 -9.58 14.86 -26.61
C ILE C 65 -10.88 14.13 -26.25
N ARG C 66 -10.90 12.82 -26.52
CA ARG C 66 -12.05 11.96 -26.25
C ARG C 66 -12.36 11.96 -24.75
N GLU C 67 -11.32 12.00 -23.92
CA GLU C 67 -11.42 11.80 -22.48
C GLU C 67 -11.47 13.15 -21.75
N LYS C 68 -10.66 14.11 -22.21
CA LYS C 68 -10.37 15.33 -21.48
C LYS C 68 -10.76 16.58 -22.30
N GLY C 69 -11.11 16.41 -23.58
CA GLY C 69 -11.47 17.51 -24.49
C GLY C 69 -10.25 18.31 -24.92
N VAL C 70 -10.41 19.12 -25.96
CA VAL C 70 -9.34 20.02 -26.41
C VAL C 70 -8.95 20.95 -25.26
N LEU C 71 -7.80 20.67 -24.61
CA LEU C 71 -7.40 21.38 -23.38
C LEU C 71 -6.71 22.72 -23.70
N GLN C 72 -6.46 23.01 -24.98
CA GLN C 72 -5.72 24.20 -25.39
C GLN C 72 -6.44 24.85 -26.55
N PRO C 73 -7.06 26.05 -26.36
CA PRO C 73 -7.74 26.77 -27.44
C PRO C 73 -6.98 26.82 -28.77
N ILE C 74 -7.73 26.81 -29.87
CA ILE C 74 -7.21 26.91 -31.25
C ILE C 74 -7.23 28.39 -31.66
N LEU C 75 -6.08 28.91 -32.11
CA LEU C 75 -5.96 30.28 -32.55
C LEU C 75 -6.50 30.42 -33.97
N VAL C 76 -7.52 31.26 -34.14
CA VAL C 76 -8.23 31.44 -35.41
C VAL C 76 -8.28 32.93 -35.75
N ARG C 77 -8.65 33.24 -37.00
CA ARG C 77 -8.89 34.60 -37.48
C ARG C 77 -9.98 34.57 -38.55
N PRO C 78 -10.81 35.62 -38.70
CA PRO C 78 -11.94 35.59 -39.63
C PRO C 78 -11.55 35.12 -41.03
N SER C 79 -12.35 34.21 -41.58
CA SER C 79 -12.07 33.56 -42.87
C SER C 79 -12.22 34.57 -44.01
N PRO C 80 -11.18 34.78 -44.84
CA PRO C 80 -11.34 35.59 -46.06
C PRO C 80 -12.29 34.97 -47.11
N ASP C 81 -12.34 33.63 -47.16
CA ASP C 81 -13.13 32.89 -48.16
C ASP C 81 -14.63 32.96 -47.78
N THR C 82 -14.98 32.37 -46.63
CA THR C 82 -16.36 32.40 -46.11
C THR C 82 -16.59 33.75 -45.40
N ALA C 83 -17.71 33.84 -44.68
CA ALA C 83 -18.14 35.08 -44.03
C ALA C 83 -18.26 34.90 -42.52
N GLY C 84 -19.02 33.88 -42.09
CA GLY C 84 -19.19 33.55 -40.68
C GLY C 84 -18.11 32.63 -40.13
N GLU C 85 -17.30 32.06 -41.04
CA GLU C 85 -16.34 31.02 -40.70
C GLU C 85 -15.02 31.65 -40.24
N TYR C 86 -14.19 30.84 -39.57
CA TYR C 86 -12.85 31.23 -39.13
C TYR C 86 -11.79 30.38 -39.86
N GLN C 87 -10.59 30.94 -39.98
CA GLN C 87 -9.40 30.27 -40.50
C GLN C 87 -8.44 30.04 -39.34
N ILE C 88 -7.72 28.91 -39.39
CA ILE C 88 -6.82 28.50 -38.33
C ILE C 88 -5.44 29.11 -38.56
N VAL C 89 -4.88 29.72 -37.52
CA VAL C 89 -3.53 30.28 -37.55
C VAL C 89 -2.60 29.35 -36.75
N ALA C 90 -3.14 28.70 -35.70
CA ALA C 90 -2.40 27.73 -34.89
C ALA C 90 -3.37 26.71 -34.27
N GLY C 91 -3.02 25.43 -34.37
CA GLY C 91 -3.74 24.32 -33.73
C GLY C 91 -4.44 23.41 -34.72
N GLU C 92 -3.79 23.17 -35.87
CA GLU C 92 -4.35 22.37 -36.95
C GLU C 92 -4.45 20.90 -36.51
N ARG C 93 -3.54 20.45 -35.65
CA ARG C 93 -3.51 19.05 -35.22
C ARG C 93 -4.70 18.74 -34.30
N ARG C 94 -4.90 19.57 -33.26
CA ARG C 94 -6.00 19.35 -32.29
C ARG C 94 -7.34 19.46 -33.01
N TRP C 95 -7.41 20.35 -34.00
CA TRP C 95 -8.59 20.47 -34.85
C TRP C 95 -8.87 19.12 -35.51
N ARG C 96 -7.86 18.57 -36.20
CA ARG C 96 -7.96 17.28 -36.89
C ARG C 96 -8.30 16.17 -35.89
N ALA C 97 -7.68 16.25 -34.70
CA ALA C 97 -7.89 15.27 -33.63
C ALA C 97 -9.34 15.33 -33.13
N ALA C 98 -9.85 16.54 -32.93
CA ALA C 98 -11.21 16.74 -32.45
C ALA C 98 -12.23 16.17 -33.44
N GLN C 99 -11.96 16.33 -34.75
CA GLN C 99 -12.81 15.79 -35.82
C GLN C 99 -12.91 14.27 -35.67
N ARG C 100 -11.76 13.61 -35.41
CA ARG C 100 -11.68 12.17 -35.23
C ARG C 100 -12.48 11.75 -33.99
N ALA C 101 -12.30 12.52 -32.89
CA ALA C 101 -12.98 12.26 -31.62
C ALA C 101 -14.49 12.53 -31.72
N GLY C 102 -14.92 13.28 -32.75
CA GLY C 102 -16.33 13.45 -33.07
C GLY C 102 -17.00 14.55 -32.24
N LEU C 103 -16.20 15.52 -31.77
CA LEU C 103 -16.70 16.65 -31.03
C LEU C 103 -17.54 17.54 -31.96
N LYS C 104 -18.67 18.02 -31.43
CA LYS C 104 -19.58 18.91 -32.14
C LYS C 104 -19.00 20.33 -32.16
N THR C 105 -18.33 20.73 -31.06
CA THR C 105 -17.83 22.08 -30.87
C THR C 105 -16.45 22.05 -30.22
N VAL C 106 -15.57 22.98 -30.62
CA VAL C 106 -14.17 23.03 -30.24
C VAL C 106 -13.82 24.43 -29.75
N PRO C 107 -13.00 24.57 -28.68
CA PRO C 107 -12.63 25.88 -28.16
C PRO C 107 -11.66 26.66 -29.05
N ILE C 108 -12.05 27.87 -29.46
CA ILE C 108 -11.25 28.75 -30.30
C ILE C 108 -10.92 30.02 -29.51
N MET C 109 -9.95 30.78 -30.03
CA MET C 109 -9.53 32.06 -29.50
C MET C 109 -9.12 32.94 -30.69
N VAL C 110 -9.83 34.04 -30.91
CA VAL C 110 -9.53 34.91 -32.04
C VAL C 110 -8.30 35.74 -31.65
N ARG C 111 -7.18 35.49 -32.33
CA ARG C 111 -5.84 35.86 -31.86
C ARG C 111 -4.86 35.60 -33.01
N GLU C 112 -3.86 36.48 -33.18
CA GLU C 112 -2.78 36.28 -34.13
C GLU C 112 -1.58 35.70 -33.39
N LEU C 113 -0.53 35.37 -34.16
CA LEU C 113 0.67 34.73 -33.60
C LEU C 113 1.59 35.76 -32.92
N ASP C 114 1.34 35.93 -31.62
CA ASP C 114 2.15 36.69 -30.69
C ASP C 114 3.54 36.04 -30.61
N ASP C 115 4.56 36.88 -30.36
CA ASP C 115 5.95 36.42 -30.19
C ASP C 115 6.04 35.32 -29.10
N LEU C 116 5.15 35.40 -28.11
CA LEU C 116 5.05 34.39 -27.05
C LEU C 116 4.45 33.10 -27.64
N ALA C 117 3.48 33.24 -28.55
CA ALA C 117 2.86 32.09 -29.22
C ALA C 117 3.90 31.34 -30.06
N VAL C 118 4.85 32.08 -30.67
CA VAL C 118 5.88 31.49 -31.52
C VAL C 118 6.93 30.82 -30.65
N LEU C 119 7.27 31.43 -29.51
CA LEU C 119 8.14 30.81 -28.50
C LEU C 119 7.52 29.49 -28.02
N GLU C 120 6.22 29.52 -27.76
CA GLU C 120 5.46 28.39 -27.21
C GLU C 120 5.46 27.21 -28.19
N ILE C 121 5.11 27.47 -29.47
CA ILE C 121 5.05 26.45 -30.52
C ILE C 121 6.45 25.85 -30.70
N GLY C 122 7.47 26.72 -30.65
CA GLY C 122 8.87 26.34 -30.80
C GLY C 122 9.31 25.32 -29.77
N ILE C 123 8.82 25.44 -28.53
CA ILE C 123 9.17 24.54 -27.43
C ILE C 123 8.41 23.22 -27.59
N ILE C 124 7.12 23.30 -27.95
CA ILE C 124 6.27 22.13 -28.08
C ILE C 124 6.74 21.28 -29.26
N GLU C 125 7.23 21.94 -30.32
CA GLU C 125 7.80 21.26 -31.48
C GLU C 125 9.08 20.53 -31.05
N ASN C 126 9.94 21.23 -30.30
CA ASN C 126 11.26 20.73 -29.90
C ASN C 126 11.13 19.48 -29.02
N VAL C 127 10.11 19.44 -28.15
CA VAL C 127 9.89 18.30 -27.27
C VAL C 127 9.45 17.08 -28.11
N GLN C 128 8.57 17.33 -29.08
CA GLN C 128 7.97 16.29 -29.91
C GLN C 128 9.06 15.59 -30.75
N ARG C 129 10.13 16.31 -31.10
CA ARG C 129 11.27 15.77 -31.85
C ARG C 129 11.85 14.54 -31.15
N ALA C 130 12.03 14.63 -29.82
CA ALA C 130 12.45 13.53 -28.97
C ALA C 130 13.97 13.35 -29.01
N ASP C 131 14.67 14.31 -29.64
CA ASP C 131 16.14 14.39 -29.63
C ASP C 131 16.65 14.68 -28.21
N LEU C 132 15.86 15.44 -27.43
CA LEU C 132 16.23 16.03 -26.15
C LEU C 132 16.55 14.94 -25.11
N ASN C 133 17.38 15.31 -24.12
CA ASN C 133 17.62 14.49 -22.92
C ASN C 133 16.66 14.92 -21.80
N VAL C 134 16.58 14.12 -20.73
CA VAL C 134 15.48 14.22 -19.75
C VAL C 134 15.50 15.57 -19.04
N LEU C 135 16.68 16.14 -18.80
CA LEU C 135 16.78 17.43 -18.12
C LEU C 135 16.27 18.54 -19.06
N GLU C 136 16.64 18.47 -20.34
CA GLU C 136 16.13 19.41 -21.35
C GLU C 136 14.60 19.25 -21.45
N GLU C 137 14.14 18.00 -21.38
CA GLU C 137 12.73 17.66 -21.48
C GLU C 137 11.95 18.27 -20.30
N ALA C 138 12.54 18.17 -19.10
CA ALA C 138 11.92 18.67 -17.88
C ALA C 138 11.77 20.19 -17.95
N LEU C 139 12.85 20.88 -18.33
CA LEU C 139 12.86 22.33 -18.47
C LEU C 139 11.73 22.76 -19.41
N SER C 140 11.57 22.04 -20.54
CA SER C 140 10.54 22.35 -21.51
C SER C 140 9.16 22.31 -20.83
N TYR C 141 8.94 21.30 -19.97
CA TYR C 141 7.68 21.14 -19.27
C TYR C 141 7.49 22.25 -18.23
N LYS C 142 8.56 22.59 -17.49
CA LYS C 142 8.51 23.62 -16.45
C LYS C 142 8.14 24.96 -17.09
N VAL C 143 8.74 25.27 -18.25
CA VAL C 143 8.54 26.54 -18.94
C VAL C 143 7.11 26.62 -19.49
N LEU C 144 6.60 25.49 -20.01
CA LEU C 144 5.24 25.42 -20.54
C LEU C 144 4.21 25.68 -19.43
N MET C 145 4.56 25.25 -18.21
CA MET C 145 3.70 25.23 -17.06
C MET C 145 3.74 26.59 -16.35
N GLU C 146 4.94 27.12 -16.15
CA GLU C 146 5.16 28.41 -15.50
C GLU C 146 4.86 29.53 -16.49
N LYS C 147 5.77 29.78 -17.44
CA LYS C 147 5.69 30.96 -18.31
C LYS C 147 4.48 30.90 -19.25
N PHE C 148 3.84 29.74 -19.45
CA PHE C 148 2.71 29.64 -20.38
C PHE C 148 1.48 29.03 -19.70
N GLU C 149 1.55 28.82 -18.38
CA GLU C 149 0.36 28.57 -17.54
C GLU C 149 -0.49 27.42 -18.08
N ARG C 150 0.18 26.38 -18.60
CA ARG C 150 -0.47 25.14 -19.05
C ARG C 150 -0.52 24.18 -17.86
N THR C 151 -1.60 23.39 -17.77
CA THR C 151 -1.68 22.33 -16.75
C THR C 151 -0.87 21.10 -17.23
N GLN C 152 -0.49 20.24 -16.29
CA GLN C 152 0.26 19.01 -16.58
C GLN C 152 -0.53 18.22 -17.63
N GLU C 153 -1.80 17.95 -17.31
CA GLU C 153 -2.73 17.24 -18.17
C GLU C 153 -2.74 17.85 -19.57
N ASN C 154 -2.65 19.19 -19.66
CA ASN C 154 -2.61 19.90 -20.94
C ASN C 154 -1.35 19.51 -21.71
N ILE C 155 -0.20 19.62 -21.04
CA ILE C 155 1.10 19.36 -21.63
C ILE C 155 1.13 17.91 -22.12
N ALA C 156 0.65 16.99 -21.27
CA ALA C 156 0.62 15.57 -21.58
C ALA C 156 -0.15 15.32 -22.88
N GLN C 157 -1.36 15.87 -22.96
CA GLN C 157 -2.21 15.69 -24.14
C GLN C 157 -1.50 16.23 -25.38
N THR C 158 -0.79 17.36 -25.20
CA THR C 158 -0.13 18.06 -26.30
C THR C 158 1.04 17.23 -26.83
N ILE C 159 1.88 16.72 -25.92
CA ILE C 159 3.14 16.08 -26.32
C ILE C 159 2.98 14.56 -26.41
N GLY C 160 1.86 14.03 -25.92
CA GLY C 160 1.47 12.64 -26.16
C GLY C 160 2.03 11.65 -25.13
N LYS C 161 2.77 12.13 -24.13
CA LYS C 161 3.07 11.32 -22.95
C LYS C 161 1.89 11.41 -21.96
N SER C 162 2.03 10.68 -20.84
CA SER C 162 1.05 10.64 -19.75
C SER C 162 1.35 11.76 -18.74
N ARG C 163 0.35 12.13 -17.93
CA ARG C 163 0.53 13.23 -16.99
C ARG C 163 1.62 12.86 -15.99
N SER C 164 1.44 11.70 -15.33
CA SER C 164 2.42 11.14 -14.40
C SER C 164 3.84 11.41 -14.90
N HIS C 165 4.07 11.04 -16.17
CA HIS C 165 5.38 11.16 -16.77
C HIS C 165 5.83 12.63 -16.74
N VAL C 166 4.98 13.52 -17.24
CA VAL C 166 5.25 14.96 -17.28
C VAL C 166 5.59 15.45 -15.86
N ALA C 167 4.77 15.05 -14.89
CA ALA C 167 4.95 15.44 -13.50
C ALA C 167 6.31 14.96 -13.00
N ASN C 168 6.54 13.65 -13.10
CA ASN C 168 7.74 13.00 -12.58
C ASN C 168 8.99 13.53 -13.29
N THR C 169 8.89 13.83 -14.59
CA THR C 169 10.02 14.36 -15.34
C THR C 169 10.47 15.71 -14.75
N MET C 170 9.51 16.59 -14.47
CA MET C 170 9.79 17.94 -13.94
C MET C 170 10.41 17.85 -12.55
N ARG C 171 10.01 16.85 -11.76
CA ARG C 171 10.47 16.68 -10.38
C ARG C 171 11.99 16.47 -10.33
N LEU C 172 12.58 15.97 -11.42
CA LEU C 172 14.02 15.71 -11.51
C LEU C 172 14.80 17.03 -11.37
N LEU C 173 14.17 18.16 -11.66
CA LEU C 173 14.83 19.49 -11.58
C LEU C 173 15.06 19.89 -10.12
N ALA C 174 14.34 19.24 -9.19
CA ALA C 174 14.49 19.46 -7.75
C ALA C 174 15.74 18.75 -7.20
N LEU C 175 16.34 17.84 -7.99
CA LEU C 175 17.51 17.06 -7.54
C LEU C 175 18.73 17.98 -7.50
N PRO C 176 19.69 17.75 -6.58
CA PRO C 176 20.97 18.45 -6.61
C PRO C 176 21.68 18.34 -7.97
N ASP C 177 22.52 19.33 -8.30
CA ASP C 177 23.28 19.35 -9.55
C ASP C 177 24.10 18.05 -9.68
N GLU C 178 24.78 17.67 -8.60
CA GLU C 178 25.53 16.40 -8.53
C GLU C 178 24.71 15.25 -9.10
N VAL C 179 23.45 15.11 -8.65
CA VAL C 179 22.58 13.98 -9.03
C VAL C 179 22.13 14.15 -10.48
N GLN C 180 21.94 15.39 -10.93
CA GLN C 180 21.51 15.67 -12.30
C GLN C 180 22.67 15.37 -13.27
N SER C 181 23.91 15.52 -12.78
CA SER C 181 25.10 15.15 -13.53
C SER C 181 25.11 13.65 -13.84
N TYR C 182 24.80 12.83 -12.82
CA TYR C 182 24.80 11.36 -12.93
C TYR C 182 23.73 10.88 -13.93
N LEU C 183 22.71 11.70 -14.17
CA LEU C 183 21.61 11.34 -15.05
C LEU C 183 22.04 11.44 -16.51
N VAL C 184 22.89 12.43 -16.82
CA VAL C 184 23.32 12.69 -18.20
C VAL C 184 24.62 11.96 -18.49
N SER C 185 25.43 11.71 -17.45
CA SER C 185 26.64 10.89 -17.55
C SER C 185 26.26 9.43 -17.85
N GLY C 186 25.10 9.00 -17.34
CA GLY C 186 24.59 7.65 -17.54
C GLY C 186 24.68 6.81 -16.27
N GLU C 187 25.40 7.31 -15.26
CA GLU C 187 25.63 6.60 -14.01
C GLU C 187 24.29 6.28 -13.31
N LEU C 188 23.27 7.13 -13.52
CA LEU C 188 21.90 6.88 -13.07
C LEU C 188 20.94 6.94 -14.26
N THR C 189 19.80 6.27 -14.13
CA THR C 189 18.68 6.36 -15.07
C THR C 189 17.57 7.22 -14.44
N ALA C 190 16.64 7.69 -15.28
CA ALA C 190 15.48 8.44 -14.85
C ALA C 190 14.80 7.69 -13.69
N GLY C 191 14.49 6.42 -13.90
CA GLY C 191 13.84 5.55 -12.91
C GLY C 191 14.52 5.62 -11.55
N HIS C 192 15.86 5.62 -11.53
CA HIS C 192 16.64 5.72 -10.31
C HIS C 192 16.41 7.08 -9.64
N ALA C 193 16.62 8.16 -10.41
CA ALA C 193 16.59 9.53 -9.94
C ALA C 193 15.21 9.89 -9.39
N ARG C 194 14.18 9.53 -10.16
CA ARG C 194 12.79 9.77 -9.80
C ARG C 194 12.46 9.12 -8.46
N ALA C 195 13.07 7.98 -8.15
CA ALA C 195 12.76 7.20 -6.94
C ALA C 195 13.44 7.79 -5.70
N ILE C 196 14.38 8.73 -5.88
CA ILE C 196 15.13 9.33 -4.76
C ILE C 196 14.92 10.85 -4.72
N ALA C 197 14.00 11.36 -5.55
CA ALA C 197 13.70 12.78 -5.63
C ALA C 197 13.10 13.27 -4.31
N ALA C 198 12.20 12.46 -3.76
CA ALA C 198 11.43 12.81 -2.58
C ALA C 198 12.24 12.59 -1.30
N ALA C 199 13.43 11.98 -1.42
CA ALA C 199 14.28 11.74 -0.27
C ALA C 199 15.02 13.04 0.09
N ALA C 200 15.39 13.17 1.37
CA ALA C 200 16.36 14.13 1.83
C ALA C 200 17.74 13.47 1.74
N ASP C 201 18.75 14.26 1.38
CA ASP C 201 20.08 13.75 1.05
C ASP C 201 19.97 12.73 -0.09
N PRO C 202 19.46 13.13 -1.28
CA PRO C 202 19.50 12.26 -2.46
C PRO C 202 20.92 11.85 -2.88
N VAL C 203 21.88 12.78 -2.75
CA VAL C 203 23.26 12.54 -3.15
C VAL C 203 23.79 11.29 -2.43
N ALA C 204 23.45 11.12 -1.15
CA ALA C 204 23.88 9.96 -0.35
C ALA C 204 23.31 8.68 -0.95
N LEU C 205 22.04 8.73 -1.39
CA LEU C 205 21.38 7.56 -2.00
C LEU C 205 22.00 7.29 -3.38
N ALA C 206 22.28 8.35 -4.14
CA ALA C 206 22.89 8.21 -5.49
C ALA C 206 24.23 7.49 -5.38
N LYS C 207 25.05 7.89 -4.39
CA LYS C 207 26.35 7.28 -4.11
C LYS C 207 26.14 5.78 -3.80
N GLN C 208 25.16 5.47 -2.95
CA GLN C 208 24.81 4.09 -2.60
C GLN C 208 24.46 3.27 -3.84
N ILE C 209 23.69 3.88 -4.75
CA ILE C 209 23.16 3.23 -5.95
C ILE C 209 24.31 2.85 -6.88
N ILE C 210 25.19 3.82 -7.16
CA ILE C 210 26.29 3.67 -8.10
C ILE C 210 27.27 2.62 -7.54
N GLU C 211 27.72 2.83 -6.29
CA GLU C 211 28.68 1.95 -5.62
C GLU C 211 28.17 0.50 -5.65
N GLY C 212 26.88 0.31 -5.34
CA GLY C 212 26.28 -1.01 -5.19
C GLY C 212 25.64 -1.55 -6.46
N GLY C 213 25.72 -0.77 -7.54
CA GLY C 213 25.12 -1.11 -8.84
C GLY C 213 23.71 -1.63 -8.68
N LEU C 214 22.87 -0.84 -8.00
CA LEU C 214 21.53 -1.27 -7.61
C LEU C 214 20.57 -1.09 -8.77
N SER C 215 19.49 -1.89 -8.76
CA SER C 215 18.38 -1.77 -9.68
C SER C 215 17.46 -0.63 -9.22
N VAL C 216 16.51 -0.26 -10.08
CA VAL C 216 15.52 0.76 -9.75
C VAL C 216 14.61 0.19 -8.64
N ARG C 217 14.27 -1.10 -8.71
CA ARG C 217 13.42 -1.72 -7.70
C ARG C 217 14.11 -1.65 -6.32
N GLU C 218 15.45 -1.83 -6.33
CA GLU C 218 16.21 -1.81 -5.09
C GLU C 218 16.21 -0.38 -4.51
N THR C 219 16.39 0.62 -5.38
CA THR C 219 16.44 2.03 -4.99
C THR C 219 15.09 2.46 -4.40
N GLU C 220 14.00 1.93 -4.94
CA GLU C 220 12.67 2.15 -4.43
C GLU C 220 12.57 1.65 -2.98
N ALA C 221 13.17 0.49 -2.70
CA ALA C 221 13.16 -0.05 -1.33
C ALA C 221 14.13 0.73 -0.43
N LEU C 222 15.21 1.25 -1.02
CA LEU C 222 16.24 2.02 -0.30
C LEU C 222 15.65 3.37 0.15
N ALA C 223 14.99 4.06 -0.77
CA ALA C 223 14.41 5.37 -0.53
C ALA C 223 13.23 5.25 0.44
N ARG C 224 12.57 4.09 0.41
CA ARG C 224 11.43 3.81 1.28
C ARG C 224 11.89 3.76 2.75
N LYS C 225 13.13 3.33 2.99
CA LYS C 225 13.69 3.20 4.34
C LYS C 225 14.64 4.38 4.64
N ALA C 226 14.38 5.54 4.03
CA ALA C 226 15.26 6.72 4.15
C ALA C 226 14.43 7.96 4.43
N PRO C 227 14.95 8.95 5.19
CA PRO C 227 14.19 10.16 5.51
C PRO C 227 13.79 10.94 4.24
N ASN C 228 12.70 11.71 4.33
CA ASN C 228 12.15 12.46 3.18
C ASN C 228 11.87 13.91 3.62
N SER D 34 38.72 15.12 -42.86
CA SER D 34 37.39 15.40 -43.50
C SER D 34 37.49 16.66 -44.39
N ARG D 35 37.50 16.43 -45.71
CA ARG D 35 37.56 17.51 -46.70
C ARG D 35 36.14 18.03 -47.01
N GLU D 36 36.05 19.34 -47.24
CA GLU D 36 34.83 19.98 -47.74
C GLU D 36 34.74 19.73 -49.25
N ALA D 37 33.54 19.39 -49.73
CA ALA D 37 33.29 19.06 -51.14
C ALA D 37 31.99 19.69 -51.62
N PRO D 38 31.91 20.21 -52.87
CA PRO D 38 30.65 20.67 -53.43
C PRO D 38 29.56 19.57 -53.39
N ILE D 39 28.34 19.96 -53.01
CA ILE D 39 27.19 19.05 -52.90
C ILE D 39 26.84 18.48 -54.28
N GLU D 40 27.24 19.20 -55.34
CA GLU D 40 26.97 18.83 -56.73
C GLU D 40 27.64 17.49 -57.10
N ILE D 41 28.82 17.22 -56.53
CA ILE D 41 29.72 16.17 -57.03
C ILE D 41 29.57 14.88 -56.20
N LEU D 42 28.54 14.81 -55.35
CA LEU D 42 28.22 13.57 -54.61
C LEU D 42 27.00 12.92 -55.27
N GLN D 43 26.96 11.57 -55.25
CA GLN D 43 25.87 10.80 -55.83
C GLN D 43 25.57 9.61 -54.93
N ARG D 44 24.31 9.16 -54.93
CA ARG D 44 23.90 7.98 -54.16
C ARG D 44 24.31 6.71 -54.93
N ASN D 45 24.37 5.58 -54.21
CA ASN D 45 24.78 4.30 -54.77
C ASN D 45 23.58 3.65 -55.44
N PRO D 46 23.55 3.52 -56.79
CA PRO D 46 22.44 2.84 -57.47
C PRO D 46 22.34 1.35 -57.09
N ASP D 47 23.47 0.73 -56.71
CA ASP D 47 23.55 -0.67 -56.30
C ASP D 47 22.71 -0.89 -55.03
N GLN D 48 22.99 -0.14 -53.96
CA GLN D 48 22.29 -0.31 -52.68
C GLN D 48 20.81 0.02 -52.88
N PRO D 49 19.87 -0.78 -52.30
CA PRO D 49 18.43 -0.59 -52.54
C PRO D 49 17.88 0.82 -52.31
N ARG D 50 16.74 1.11 -52.97
CA ARG D 50 16.11 2.43 -52.99
C ARG D 50 15.61 2.79 -51.57
N ARG D 51 16.41 3.60 -50.86
CA ARG D 51 16.07 4.09 -49.54
C ARG D 51 15.13 5.30 -49.69
N THR D 52 13.99 5.27 -48.97
CA THR D 52 13.05 6.42 -48.86
C THR D 52 13.00 6.90 -47.40
N PHE D 53 13.02 8.23 -47.23
CA PHE D 53 13.13 8.89 -45.92
C PHE D 53 11.95 9.84 -45.72
N ARG D 54 11.40 9.85 -44.50
CA ARG D 54 10.17 10.59 -44.17
C ARG D 54 10.45 12.09 -44.23
N GLU D 55 9.61 12.80 -45.00
CA GLU D 55 9.71 14.26 -45.20
C GLU D 55 9.91 14.96 -43.86
N GLU D 56 9.09 14.60 -42.86
CA GLU D 56 9.14 15.18 -41.52
C GLU D 56 10.57 15.08 -40.97
N ASP D 57 11.13 13.86 -41.03
CA ASP D 57 12.47 13.56 -40.50
C ASP D 57 13.53 14.39 -41.24
N LEU D 58 13.35 14.55 -42.56
CA LEU D 58 14.28 15.27 -43.43
C LEU D 58 14.15 16.79 -43.21
N GLU D 59 12.92 17.27 -43.02
CA GLU D 59 12.65 18.69 -42.75
C GLU D 59 13.27 19.07 -41.39
N ASP D 60 13.27 18.11 -40.45
CA ASP D 60 13.82 18.30 -39.11
C ASP D 60 15.34 18.44 -39.19
N LEU D 61 15.96 17.47 -39.87
CA LEU D 61 17.42 17.41 -40.06
C LEU D 61 17.88 18.66 -40.83
N SER D 62 17.20 18.95 -41.94
CA SER D 62 17.44 20.15 -42.73
C SER D 62 17.63 21.34 -41.79
N ASN D 63 16.69 21.52 -40.86
CA ASN D 63 16.63 22.70 -39.97
C ASN D 63 17.78 22.67 -38.96
N SER D 64 18.21 21.45 -38.57
CA SER D 64 19.32 21.29 -37.61
C SER D 64 20.65 21.69 -38.26
N LEU D 71 26.03 19.54 -39.52
CA LEU D 71 26.57 18.67 -40.54
C LEU D 71 27.73 17.84 -39.96
N GLN D 72 27.60 16.50 -40.02
CA GLN D 72 28.63 15.58 -39.55
C GLN D 72 28.99 14.58 -40.68
N PRO D 73 30.31 14.33 -40.87
CA PRO D 73 30.85 13.88 -42.16
C PRO D 73 30.09 12.72 -42.83
N ILE D 74 30.02 12.78 -44.16
CA ILE D 74 29.42 11.73 -45.00
C ILE D 74 30.53 10.80 -45.49
N LEU D 75 30.37 9.50 -45.28
CA LEU D 75 31.35 8.50 -45.74
C LEU D 75 31.16 8.24 -47.25
N VAL D 76 32.22 8.52 -48.02
CA VAL D 76 32.21 8.49 -49.47
C VAL D 76 33.36 7.61 -49.95
N ARG D 77 33.32 7.27 -51.25
CA ARG D 77 34.44 6.64 -51.95
C ARG D 77 34.45 7.15 -53.39
N PRO D 78 35.64 7.25 -54.04
CA PRO D 78 35.71 7.75 -55.42
C PRO D 78 34.71 7.08 -56.37
N SER D 79 33.99 7.89 -57.15
CA SER D 79 32.87 7.43 -57.98
C SER D 79 33.38 6.56 -59.12
N PRO D 80 32.89 5.31 -59.26
CA PRO D 80 33.13 4.52 -60.46
C PRO D 80 32.51 5.10 -61.74
N ASP D 81 31.38 5.83 -61.61
CA ASP D 81 30.65 6.42 -62.74
C ASP D 81 31.43 7.62 -63.30
N THR D 82 31.53 8.69 -62.50
CA THR D 82 32.30 9.89 -62.87
C THR D 82 33.78 9.64 -62.56
N ALA D 83 34.59 10.71 -62.49
CA ALA D 83 36.02 10.60 -62.22
C ALA D 83 36.40 11.41 -60.97
N GLY D 84 36.04 12.70 -60.97
CA GLY D 84 36.33 13.61 -59.86
C GLY D 84 35.24 13.60 -58.81
N GLU D 85 34.12 12.95 -59.10
CA GLU D 85 32.96 12.88 -58.19
C GLU D 85 33.17 11.75 -57.17
N TYR D 86 32.41 11.81 -56.07
CA TYR D 86 32.42 10.78 -55.02
C TYR D 86 31.05 10.09 -54.95
N GLN D 87 31.06 8.83 -54.49
CA GLN D 87 29.86 8.03 -54.24
C GLN D 87 29.68 7.87 -52.73
N ILE D 88 28.43 7.88 -52.27
CA ILE D 88 28.09 7.81 -50.85
C ILE D 88 28.00 6.33 -50.45
N VAL D 89 28.67 5.99 -49.34
CA VAL D 89 28.57 4.66 -48.74
C VAL D 89 27.69 4.76 -47.48
N ALA D 90 27.77 5.89 -46.77
CA ALA D 90 26.97 6.14 -45.58
C ALA D 90 26.72 7.64 -45.41
N GLY D 91 25.46 7.99 -45.10
CA GLY D 91 25.03 9.36 -44.79
C GLY D 91 24.16 9.96 -45.88
N GLU D 92 23.28 9.14 -46.48
CA GLU D 92 22.43 9.57 -47.59
C GLU D 92 21.41 10.59 -47.07
N ARG D 93 20.99 10.45 -45.81
CA ARG D 93 19.98 11.33 -45.19
C ARG D 93 20.55 12.75 -45.04
N ARG D 94 21.70 12.88 -44.38
CA ARG D 94 22.34 14.19 -44.11
C ARG D 94 22.65 14.88 -45.45
N TRP D 95 23.05 14.09 -46.45
CA TRP D 95 23.27 14.59 -47.79
C TRP D 95 22.00 15.27 -48.30
N ARG D 96 20.90 14.52 -48.28
CA ARG D 96 19.59 14.99 -48.74
C ARG D 96 19.17 16.22 -47.91
N ALA D 97 19.45 16.16 -46.60
CA ALA D 97 19.11 17.23 -45.66
C ALA D 97 19.89 18.51 -45.99
N ALA D 98 21.19 18.35 -46.27
CA ALA D 98 22.06 19.48 -46.61
C ALA D 98 21.58 20.18 -47.89
N GLN D 99 21.10 19.39 -48.86
CA GLN D 99 20.55 19.91 -50.12
C GLN D 99 19.35 20.81 -49.82
N ARG D 100 18.48 20.37 -48.91
CA ARG D 100 17.29 21.12 -48.49
C ARG D 100 17.72 22.41 -47.80
N ALA D 101 18.72 22.31 -46.91
CA ALA D 101 19.26 23.44 -46.15
C ALA D 101 20.00 24.43 -47.05
N GLY D 102 20.39 23.98 -48.26
CA GLY D 102 20.90 24.87 -49.31
C GLY D 102 22.39 25.15 -49.18
N LEU D 103 23.11 24.22 -48.55
CA LEU D 103 24.57 24.30 -48.45
C LEU D 103 25.17 24.13 -49.84
N LYS D 104 26.19 24.94 -50.13
CA LYS D 104 26.96 24.87 -51.39
C LYS D 104 27.94 23.69 -51.33
N THR D 105 28.51 23.45 -50.13
CA THR D 105 29.54 22.43 -49.92
C THR D 105 29.27 21.70 -48.59
N VAL D 106 29.54 20.39 -48.58
CA VAL D 106 29.18 19.48 -47.48
C VAL D 106 30.40 18.65 -47.09
N PRO D 107 30.63 18.37 -45.78
CA PRO D 107 31.80 17.60 -45.35
C PRO D 107 31.70 16.10 -45.68
N ILE D 108 32.71 15.61 -46.40
CA ILE D 108 32.86 14.18 -46.72
C ILE D 108 34.09 13.64 -46.01
N MET D 109 34.16 12.31 -45.93
CA MET D 109 35.30 11.58 -45.38
C MET D 109 35.50 10.31 -46.23
N VAL D 110 36.62 10.26 -46.96
CA VAL D 110 36.82 9.26 -48.01
C VAL D 110 37.51 8.01 -47.45
N ARG D 111 37.20 6.89 -48.09
CA ARG D 111 37.86 5.60 -47.92
C ARG D 111 37.53 4.73 -49.13
N GLU D 112 38.50 3.93 -49.59
CA GLU D 112 38.31 3.04 -50.76
C GLU D 112 37.81 1.68 -50.25
N LEU D 113 36.95 1.01 -51.05
CA LEU D 113 36.05 -0.01 -50.52
C LEU D 113 35.46 -0.80 -51.69
N ASP D 114 35.59 -2.13 -51.64
CA ASP D 114 35.08 -3.02 -52.68
C ASP D 114 33.55 -2.96 -52.70
N ASP D 115 32.95 -3.17 -53.87
CA ASP D 115 31.51 -3.03 -54.09
C ASP D 115 30.72 -3.91 -53.11
N LEU D 116 31.29 -5.05 -52.71
CA LEU D 116 30.68 -5.93 -51.69
C LEU D 116 30.75 -5.26 -50.31
N ALA D 117 31.89 -4.60 -50.04
CA ALA D 117 32.10 -3.88 -48.79
C ALA D 117 31.10 -2.71 -48.67
N VAL D 118 30.76 -2.08 -49.79
CA VAL D 118 29.84 -0.94 -49.81
C VAL D 118 28.40 -1.45 -49.65
N LEU D 119 28.08 -2.59 -50.25
CA LEU D 119 26.79 -3.26 -50.04
C LEU D 119 26.64 -3.59 -48.54
N GLU D 120 27.72 -4.11 -47.96
CA GLU D 120 27.75 -4.59 -46.56
C GLU D 120 27.51 -3.41 -45.59
N ILE D 121 28.27 -2.32 -45.76
CA ILE D 121 28.17 -1.11 -44.91
C ILE D 121 26.75 -0.53 -45.05
N GLY D 122 26.22 -0.56 -46.27
CA GLY D 122 24.88 -0.07 -46.58
C GLY D 122 23.80 -0.76 -45.77
N ILE D 123 23.96 -2.08 -45.55
CA ILE D 123 23.01 -2.88 -44.78
C ILE D 123 23.19 -2.62 -43.29
N ILE D 124 24.45 -2.54 -42.83
CA ILE D 124 24.76 -2.34 -41.41
C ILE D 124 24.29 -0.94 -40.99
N GLU D 125 24.40 0.04 -41.88
CA GLU D 125 23.89 1.39 -41.61
C GLU D 125 22.36 1.36 -41.49
N ASN D 126 21.71 0.65 -42.43
CA ASN D 126 20.26 0.59 -42.54
C ASN D 126 19.64 -0.06 -41.29
N VAL D 127 20.30 -1.06 -40.73
CA VAL D 127 19.82 -1.75 -39.53
C VAL D 127 19.90 -0.80 -38.34
N GLN D 128 21.01 -0.05 -38.24
CA GLN D 128 21.28 0.84 -37.12
C GLN D 128 20.23 1.95 -37.05
N ARG D 129 19.67 2.35 -38.20
CA ARG D 129 18.49 3.24 -38.25
C ARG D 129 17.35 2.56 -37.46
N ALA D 130 16.70 3.32 -36.58
CA ALA D 130 15.66 2.78 -35.67
C ALA D 130 14.29 2.69 -36.37
N ASP D 131 14.21 3.15 -37.63
CA ASP D 131 12.96 3.21 -38.38
C ASP D 131 12.49 1.79 -38.74
N LEU D 132 13.45 0.89 -39.00
CA LEU D 132 13.19 -0.44 -39.62
C LEU D 132 12.40 -1.33 -38.66
N ASN D 133 11.61 -2.26 -39.23
CA ASN D 133 10.77 -3.17 -38.43
C ASN D 133 11.49 -4.52 -38.32
N VAL D 134 11.00 -5.38 -37.41
CA VAL D 134 11.75 -6.56 -36.95
C VAL D 134 12.00 -7.53 -38.11
N LEU D 135 11.04 -7.64 -39.04
CA LEU D 135 11.18 -8.56 -40.17
C LEU D 135 12.25 -8.02 -41.14
N GLU D 136 12.24 -6.71 -41.39
CA GLU D 136 13.29 -6.05 -42.20
C GLU D 136 14.65 -6.24 -41.51
N GLU D 137 14.65 -6.12 -40.18
CA GLU D 137 15.86 -6.25 -39.37
C GLU D 137 16.43 -7.66 -39.48
N ALA D 138 15.54 -8.67 -39.43
CA ALA D 138 15.91 -10.07 -39.49
C ALA D 138 16.56 -10.39 -40.84
N LEU D 139 15.90 -9.94 -41.93
CA LEU D 139 16.41 -10.15 -43.28
C LEU D 139 17.84 -9.61 -43.39
N SER D 140 18.05 -8.41 -42.84
CA SER D 140 19.36 -7.77 -42.88
C SER D 140 20.40 -8.68 -42.20
N TYR D 141 20.02 -9.32 -41.09
CA TYR D 141 20.93 -10.21 -40.37
C TYR D 141 21.18 -11.49 -41.16
N LYS D 142 20.13 -12.04 -41.79
CA LYS D 142 20.26 -13.27 -42.58
C LYS D 142 21.24 -13.02 -43.75
N VAL D 143 21.11 -11.86 -44.40
CA VAL D 143 21.93 -11.51 -45.56
C VAL D 143 23.38 -11.29 -45.13
N LEU D 144 23.59 -10.66 -43.97
CA LEU D 144 24.94 -10.42 -43.44
C LEU D 144 25.66 -11.74 -43.15
N MET D 145 24.86 -12.74 -42.75
CA MET D 145 25.33 -14.02 -42.27
C MET D 145 25.58 -14.97 -43.44
N GLU D 146 24.62 -15.02 -44.38
CA GLU D 146 24.71 -15.85 -45.59
C GLU D 146 25.63 -15.18 -46.60
N LYS D 147 25.15 -14.13 -47.28
CA LYS D 147 25.86 -13.53 -48.42
C LYS D 147 27.18 -12.85 -48.01
N PHE D 148 27.40 -12.59 -46.72
CA PHE D 148 28.64 -11.94 -46.29
C PHE D 148 29.37 -12.75 -45.22
N GLU D 149 28.87 -13.95 -44.91
CA GLU D 149 29.62 -14.97 -44.14
C GLU D 149 30.14 -14.39 -42.83
N ARG D 150 29.32 -13.54 -42.18
CA ARG D 150 29.61 -12.98 -40.86
C ARG D 150 29.01 -13.93 -39.82
N THR D 151 29.69 -14.07 -38.68
CA THR D 151 29.14 -14.80 -37.54
C THR D 151 28.13 -13.91 -36.79
N GLN D 152 27.21 -14.53 -36.04
CA GLN D 152 26.23 -13.79 -35.25
C GLN D 152 26.97 -12.81 -34.35
N GLU D 153 27.92 -13.33 -33.57
CA GLU D 153 28.78 -12.56 -32.69
C GLU D 153 29.39 -11.36 -33.42
N ASN D 154 29.77 -11.55 -34.70
CA ASN D 154 30.34 -10.48 -35.52
C ASN D 154 29.29 -9.39 -35.74
N ILE D 155 28.11 -9.81 -36.20
CA ILE D 155 27.01 -8.91 -36.52
C ILE D 155 26.66 -8.11 -35.26
N ALA D 156 26.54 -8.81 -34.13
CA ALA D 156 26.17 -8.22 -32.85
C ALA D 156 27.15 -7.11 -32.49
N GLN D 157 28.45 -7.40 -32.54
CA GLN D 157 29.48 -6.43 -32.19
C GLN D 157 29.36 -5.21 -33.12
N THR D 158 29.06 -5.47 -34.39
CA THR D 158 28.99 -4.43 -35.42
C THR D 158 27.80 -3.49 -35.16
N ILE D 159 26.63 -4.08 -34.91
CA ILE D 159 25.36 -3.35 -34.85
C ILE D 159 25.02 -2.96 -33.40
N GLY D 160 25.76 -3.50 -32.42
CA GLY D 160 25.75 -2.99 -31.05
C GLY D 160 24.73 -3.66 -30.14
N LYS D 161 23.86 -4.52 -30.67
CA LYS D 161 23.00 -5.36 -29.85
C LYS D 161 23.78 -6.65 -29.50
N SER D 162 23.10 -7.56 -28.78
CA SER D 162 23.67 -8.82 -28.28
C SER D 162 23.46 -9.95 -29.31
N ARG D 163 24.24 -11.02 -29.17
CA ARG D 163 24.17 -12.11 -30.13
C ARG D 163 22.78 -12.75 -30.07
N SER D 164 22.39 -13.16 -28.86
CA SER D 164 21.05 -13.66 -28.56
C SER D 164 20.00 -12.93 -29.41
N HIS D 165 20.05 -11.59 -29.33
CA HIS D 165 19.08 -10.74 -30.00
C HIS D 165 19.14 -11.02 -31.51
N VAL D 166 20.33 -10.95 -32.08
CA VAL D 166 20.55 -11.18 -33.51
C VAL D 166 19.96 -12.55 -33.89
N ALA D 167 20.30 -13.58 -33.10
CA ALA D 167 19.83 -14.93 -33.32
C ALA D 167 18.30 -14.99 -33.30
N ASN D 168 17.72 -14.52 -32.18
CA ASN D 168 16.28 -14.59 -31.94
C ASN D 168 15.52 -13.74 -32.98
N THR D 169 16.11 -12.62 -33.41
CA THR D 169 15.47 -11.77 -34.43
C THR D 169 15.29 -12.56 -35.73
N MET D 170 16.36 -13.26 -36.16
CA MET D 170 16.35 -14.02 -37.42
C MET D 170 15.32 -15.15 -37.37
N ARG D 171 15.13 -15.74 -36.19
CA ARG D 171 14.25 -16.90 -36.00
C ARG D 171 12.80 -16.55 -36.35
N LEU D 172 12.43 -15.27 -36.27
CA LEU D 172 11.07 -14.81 -36.57
C LEU D 172 10.72 -15.07 -38.04
N LEU D 173 11.73 -15.22 -38.91
CA LEU D 173 11.52 -15.48 -40.34
C LEU D 173 11.00 -16.91 -40.57
N ALA D 174 11.19 -17.78 -39.59
CA ALA D 174 10.70 -19.16 -39.62
C ALA D 174 9.20 -19.25 -39.33
N LEU D 175 8.60 -18.17 -38.80
CA LEU D 175 7.20 -18.16 -38.41
C LEU D 175 6.30 -18.19 -39.64
N PRO D 176 5.10 -18.83 -39.56
CA PRO D 176 4.09 -18.74 -40.62
C PRO D 176 3.77 -17.29 -41.01
N ASP D 177 3.34 -17.09 -42.27
CA ASP D 177 3.00 -15.78 -42.81
C ASP D 177 1.94 -15.11 -41.92
N GLU D 178 0.91 -15.88 -41.57
CA GLU D 178 -0.17 -15.41 -40.68
C GLU D 178 0.43 -14.71 -39.45
N VAL D 179 1.40 -15.36 -38.79
CA VAL D 179 1.97 -14.86 -37.54
C VAL D 179 2.86 -13.64 -37.83
N GLN D 180 3.53 -13.64 -38.98
CA GLN D 180 4.41 -12.53 -39.37
C GLN D 180 3.56 -11.29 -39.71
N SER D 181 2.33 -11.52 -40.17
CA SER D 181 1.36 -10.45 -40.42
C SER D 181 1.04 -9.72 -39.10
N TYR D 182 0.77 -10.49 -38.04
CA TYR D 182 0.40 -9.96 -36.72
C TYR D 182 1.54 -9.15 -36.09
N LEU D 183 2.78 -9.41 -36.54
CA LEU D 183 3.96 -8.76 -35.99
C LEU D 183 4.06 -7.33 -36.53
N VAL D 184 3.68 -7.14 -37.79
CA VAL D 184 3.81 -5.84 -38.47
C VAL D 184 2.52 -5.02 -38.29
N SER D 185 1.39 -5.72 -38.14
CA SER D 185 0.11 -5.09 -37.83
C SER D 185 0.15 -4.48 -36.42
N GLY D 186 0.90 -5.12 -35.51
CA GLY D 186 1.05 -4.69 -34.13
C GLY D 186 0.30 -5.59 -33.16
N GLU D 187 -0.53 -6.48 -33.69
CA GLU D 187 -1.37 -7.38 -32.89
C GLU D 187 -0.52 -8.28 -32.00
N LEU D 188 0.71 -8.59 -32.43
CA LEU D 188 1.72 -9.27 -31.62
C LEU D 188 2.99 -8.42 -31.54
N THR D 189 3.73 -8.65 -30.45
CA THR D 189 5.05 -8.05 -30.25
C THR D 189 6.13 -9.09 -30.52
N ALA D 190 7.36 -8.62 -30.75
CA ALA D 190 8.51 -9.48 -30.93
C ALA D 190 8.55 -10.55 -29.84
N GLY D 191 8.50 -10.10 -28.58
CA GLY D 191 8.50 -10.96 -27.40
C GLY D 191 7.51 -12.11 -27.51
N HIS D 192 6.30 -11.81 -28.00
CA HIS D 192 5.25 -12.81 -28.18
C HIS D 192 5.66 -13.84 -29.24
N ALA D 193 6.04 -13.33 -30.42
CA ALA D 193 6.34 -14.15 -31.60
C ALA D 193 7.53 -15.07 -31.32
N ARG D 194 8.59 -14.49 -30.74
CA ARG D 194 9.81 -15.20 -30.40
C ARG D 194 9.49 -16.38 -29.47
N ALA D 195 8.50 -16.22 -28.59
CA ALA D 195 8.19 -17.22 -27.57
C ALA D 195 7.36 -18.38 -28.14
N ILE D 196 6.84 -18.24 -29.36
CA ILE D 196 5.99 -19.26 -29.99
C ILE D 196 6.61 -19.75 -31.30
N ALA D 197 7.86 -19.34 -31.59
CA ALA D 197 8.57 -19.76 -32.79
C ALA D 197 8.84 -21.26 -32.72
N ALA D 198 9.28 -21.71 -31.54
CA ALA D 198 9.72 -23.08 -31.33
C ALA D 198 8.52 -24.01 -31.07
N ALA D 199 7.32 -23.43 -30.95
CA ALA D 199 6.11 -24.22 -30.72
C ALA D 199 5.65 -24.81 -32.06
N ALA D 200 4.93 -25.93 -31.97
CA ALA D 200 4.17 -26.47 -33.08
C ALA D 200 2.77 -25.84 -33.06
N ASP D 201 2.24 -25.58 -34.25
CA ASP D 201 1.00 -24.82 -34.44
C ASP D 201 1.15 -23.45 -33.77
N PRO D 202 2.10 -22.60 -34.22
CA PRO D 202 2.20 -21.22 -33.74
C PRO D 202 0.93 -20.39 -34.00
N VAL D 203 0.31 -20.59 -35.16
CA VAL D 203 -0.88 -19.80 -35.55
C VAL D 203 -1.96 -19.95 -34.48
N ALA D 204 -2.13 -21.18 -33.97
CA ALA D 204 -3.14 -21.47 -32.95
C ALA D 204 -2.82 -20.70 -31.66
N LEU D 205 -1.53 -20.60 -31.31
CA LEU D 205 -1.08 -19.88 -30.13
C LEU D 205 -1.27 -18.37 -30.34
N ALA D 206 -0.96 -17.88 -31.54
CA ALA D 206 -1.11 -16.46 -31.86
C ALA D 206 -2.57 -16.03 -31.69
N LYS D 207 -3.49 -16.87 -32.20
CA LYS D 207 -4.92 -16.63 -32.08
C LYS D 207 -5.32 -16.57 -30.60
N GLN D 208 -4.81 -17.53 -29.81
CA GLN D 208 -5.06 -17.61 -28.37
C GLN D 208 -4.60 -16.32 -27.68
N ILE D 209 -3.43 -15.81 -28.08
CA ILE D 209 -2.78 -14.67 -27.47
C ILE D 209 -3.62 -13.41 -27.68
N ILE D 210 -4.02 -13.18 -28.94
CA ILE D 210 -4.75 -11.98 -29.33
C ILE D 210 -6.13 -12.00 -28.65
N GLU D 211 -6.86 -13.11 -28.83
CA GLU D 211 -8.21 -13.28 -28.28
C GLU D 211 -8.19 -13.02 -26.76
N GLY D 212 -7.21 -13.59 -26.07
CA GLY D 212 -7.14 -13.58 -24.61
C GLY D 212 -6.30 -12.43 -24.06
N GLY D 213 -5.78 -11.58 -24.94
CA GLY D 213 -4.90 -10.45 -24.58
C GLY D 213 -3.84 -10.86 -23.57
N LEU D 214 -3.08 -11.91 -23.91
CA LEU D 214 -2.12 -12.52 -23.01
C LEU D 214 -0.82 -11.71 -23.01
N SER D 215 -0.08 -11.81 -21.90
CA SER D 215 1.25 -11.24 -21.76
C SER D 215 2.27 -12.15 -22.44
N VAL D 216 3.50 -11.65 -22.57
CA VAL D 216 4.61 -12.43 -23.10
C VAL D 216 4.93 -13.56 -22.09
N ARG D 217 4.87 -13.24 -20.80
CA ARG D 217 5.15 -14.24 -19.76
C ARG D 217 4.13 -15.39 -19.86
N GLU D 218 2.88 -15.06 -20.19
CA GLU D 218 1.82 -16.06 -20.30
C GLU D 218 2.09 -16.97 -21.50
N THR D 219 2.49 -16.37 -22.62
CA THR D 219 2.76 -17.09 -23.86
C THR D 219 3.96 -18.04 -23.68
N GLU D 220 4.93 -17.61 -22.88
CA GLU D 220 6.08 -18.41 -22.51
C GLU D 220 5.62 -19.67 -21.75
N ALA D 221 4.62 -19.52 -20.87
CA ALA D 221 4.09 -20.67 -20.12
C ALA D 221 3.26 -21.56 -21.05
N LEU D 222 2.60 -20.94 -22.04
CA LEU D 222 1.74 -21.65 -23.01
C LEU D 222 2.61 -22.55 -23.90
N ALA D 223 3.66 -21.95 -24.46
CA ALA D 223 4.55 -22.63 -25.38
C ALA D 223 5.35 -23.72 -24.65
N ARG D 224 5.58 -23.50 -23.35
CA ARG D 224 6.33 -24.41 -22.51
C ARG D 224 5.57 -25.73 -22.37
N LYS D 225 4.23 -25.69 -22.41
CA LYS D 225 3.39 -26.87 -22.25
C LYS D 225 2.88 -27.39 -23.61
N ALA D 226 3.64 -27.12 -24.68
CA ALA D 226 3.32 -27.58 -26.03
C ALA D 226 4.52 -28.30 -26.66
#